data_8URA
#
_entry.id   8URA
#
_cell.length_a   58.514
_cell.length_b   70.897
_cell.length_c   73.734
_cell.angle_alpha   90.00
_cell.angle_beta   92.53
_cell.angle_gamma   90.00
#
_symmetry.space_group_name_H-M   'P 1 21 1'
#
loop_
_entity.id
_entity.type
_entity.pdbx_description
1 polymer 'Corynebacterial protease CP40'
2 water water
#
_entity_poly.entity_id   1
_entity_poly.type   'polypeptide(L)'
_entity_poly.pdbx_seq_one_letter_code
;MGSSHHHHHHSSGLVPRGSHMASMTGGQQMGRGSAPAALSNAPLAASPGQADKVGAQATCAAKPIFFGYYRTWRDKAIEL
NDGDKWKDKLHTKLTDIPEQVDMVSLFHVPDNQKSDQRFWETFDKEYHPTLKERGTKVVRTIGAKLLLNKIKEKGLYGQS
REDDSKYREIAHEVYEEYVAKHNLDGLDVAMALREVEKYTNLRWQLRKIMGAFSELMGPKAPGNAGKKPGDDGYKYLIYD
TFDNAQLAQVALVADVVDYVLAQTYDKGTEESITRVWNGFRDKINSCQFLAGYAHPEENDTNRFLTAIGDVDTSGAMNVA
AWKPEGGEKGGTFAYALDRDGRTYDGDDLTTLKPTDFAFTKRAIELTKGISLTDLGTNGSRTPGANSSRTETSSFFNDPY
YQKLMKEAGIADNTN
;
_entity_poly.pdbx_strand_id   A,B
#
# COMPACT_ATOMS: atom_id res chain seq x y z
N PRO A 43 -21.42 20.60 -20.30
CA PRO A 43 -20.02 20.98 -20.51
C PRO A 43 -19.33 21.50 -19.25
N LEU A 44 -18.58 20.63 -18.57
CA LEU A 44 -17.88 21.00 -17.34
C LEU A 44 -16.57 21.71 -17.65
N GLY A 49 -7.81 28.28 -14.75
CA GLY A 49 -6.54 27.93 -14.14
C GLY A 49 -6.60 27.87 -12.62
N GLN A 50 -5.98 28.88 -12.00
CA GLN A 50 -5.86 29.03 -10.56
C GLN A 50 -7.19 29.54 -9.98
N ALA A 51 -7.21 29.80 -8.67
CA ALA A 51 -8.42 30.32 -8.04
C ALA A 51 -8.63 31.80 -8.41
N ASP A 52 -9.78 32.34 -7.99
CA ASP A 52 -10.10 33.74 -8.28
C ASP A 52 -9.06 34.73 -7.73
N LYS A 53 -8.67 34.57 -6.47
CA LYS A 53 -7.58 35.31 -5.87
C LYS A 53 -6.53 34.31 -5.43
N VAL A 54 -5.26 34.67 -5.56
CA VAL A 54 -4.15 33.79 -5.19
C VAL A 54 -3.16 34.57 -4.33
N GLY A 55 -2.17 33.87 -3.81
CA GLY A 55 -1.16 34.51 -2.99
C GLY A 55 -1.63 34.79 -1.57
N ALA A 56 -0.82 35.47 -0.82
CA ALA A 56 -1.13 35.78 0.52
C ALA A 56 -2.24 36.78 0.58
N GLN A 57 -3.22 36.51 1.41
CA GLN A 57 -4.34 37.42 1.58
C GLN A 57 -4.39 37.94 3.00
N ALA A 58 -4.36 39.27 3.12
CA ALA A 58 -4.41 39.89 4.43
C ALA A 58 -5.73 39.61 5.13
N THR A 59 -6.78 39.32 4.38
CA THR A 59 -8.09 39.07 4.96
C THR A 59 -8.71 37.84 4.30
N CYS A 60 -9.56 37.17 5.07
CA CYS A 60 -10.25 35.96 4.65
C CYS A 60 -11.74 36.09 4.94
N ALA A 61 -12.56 35.41 4.13
CA ALA A 61 -14.00 35.45 4.33
C ALA A 61 -14.37 34.80 5.66
N ALA A 62 -13.71 33.70 5.99
CA ALA A 62 -13.94 32.97 7.23
C ALA A 62 -12.69 33.06 8.10
N LYS A 63 -12.89 33.13 9.41
CA LYS A 63 -11.78 33.19 10.35
C LYS A 63 -11.06 31.84 10.32
N PRO A 64 -9.80 31.80 10.74
CA PRO A 64 -9.06 30.53 10.70
C PRO A 64 -9.76 29.47 11.57
N ILE A 65 -9.78 28.24 11.05
CA ILE A 65 -10.49 27.12 11.66
C ILE A 65 -9.52 26.01 12.07
N PHE A 66 -9.95 25.20 13.03
CA PHE A 66 -9.29 23.94 13.33
C PHE A 66 -10.10 22.81 12.71
N PHE A 67 -9.45 22.00 11.88
CA PHE A 67 -10.07 20.91 11.16
C PHE A 67 -9.61 19.60 11.77
N GLY A 68 -10.54 18.68 12.01
CA GLY A 68 -10.17 17.45 12.65
C GLY A 68 -10.66 16.20 11.94
N TYR A 69 -9.74 15.28 11.62
CA TYR A 69 -10.09 13.99 11.04
C TYR A 69 -10.43 13.01 12.15
N TYR A 70 -11.59 12.35 12.02
CA TYR A 70 -12.11 11.43 13.02
C TYR A 70 -12.25 10.05 12.38
N ARG A 71 -11.55 9.07 12.95
CA ARG A 71 -11.58 7.70 12.45
C ARG A 71 -12.81 7.01 13.03
N THR A 72 -13.81 6.74 12.16
CA THR A 72 -15.08 6.21 12.65
C THR A 72 -14.92 4.79 13.21
N TRP A 73 -13.95 4.03 12.73
CA TRP A 73 -13.74 2.69 13.26
C TRP A 73 -13.09 2.70 14.64
N ARG A 74 -12.90 3.88 15.24
CA ARG A 74 -12.47 4.00 16.62
C ARG A 74 -13.55 4.63 17.49
N ASP A 75 -14.75 4.85 16.95
CA ASP A 75 -15.85 5.37 17.74
C ASP A 75 -16.53 4.27 18.53
N LYS A 76 -16.99 4.62 19.74
CA LYS A 76 -17.57 3.62 20.63
C LYS A 76 -18.81 2.98 20.03
N ALA A 77 -19.56 3.71 19.19
CA ALA A 77 -20.80 3.24 18.64
C ALA A 77 -20.63 2.32 17.44
N ILE A 78 -19.42 2.22 16.90
CA ILE A 78 -19.19 1.37 15.73
C ILE A 78 -19.11 -0.10 16.16
N GLU A 79 -19.47 -1.00 15.23
CA GLU A 79 -19.44 -2.44 15.47
C GLU A 79 -18.29 -3.06 14.70
N LEU A 80 -17.21 -3.36 15.40
CA LEU A 80 -16.08 -4.00 14.77
C LEU A 80 -16.33 -5.49 14.51
N ASN A 81 -15.41 -6.10 13.76
CA ASN A 81 -15.49 -7.52 13.42
C ASN A 81 -15.32 -8.40 14.66
N ASP A 82 -15.79 -9.64 14.54
CA ASP A 82 -15.77 -10.54 15.69
C ASP A 82 -14.36 -10.90 16.11
N GLY A 83 -13.49 -11.23 15.14
CA GLY A 83 -12.12 -11.57 15.46
C GLY A 83 -11.22 -10.41 15.75
N ASP A 84 -11.73 -9.18 15.67
CA ASP A 84 -10.90 -8.01 15.88
C ASP A 84 -10.39 -7.96 17.32
N LYS A 85 -9.08 -7.70 17.45
CA LYS A 85 -8.44 -7.60 18.75
C LYS A 85 -8.90 -6.39 19.54
N TRP A 86 -9.53 -5.41 18.88
CA TRP A 86 -10.03 -4.21 19.54
C TRP A 86 -11.56 -4.17 19.53
N LYS A 87 -12.22 -5.34 19.52
CA LYS A 87 -13.68 -5.36 19.65
C LYS A 87 -14.20 -4.61 20.85
N ASP A 88 -13.43 -4.55 21.94
CA ASP A 88 -13.69 -3.69 23.08
C ASP A 88 -12.60 -2.61 23.09
N LYS A 89 -12.27 -2.10 24.28
CA LYS A 89 -11.17 -1.13 24.44
C LYS A 89 -11.36 0.14 23.62
N LEU A 90 -12.58 0.42 23.15
CA LEU A 90 -12.86 1.65 22.42
C LEU A 90 -13.29 2.73 23.40
N HIS A 91 -12.37 3.66 23.69
CA HIS A 91 -12.56 4.67 24.73
C HIS A 91 -13.29 5.90 24.21
N THR A 92 -13.04 6.34 22.99
CA THR A 92 -13.48 7.68 22.59
C THR A 92 -14.81 7.63 21.83
N LYS A 93 -15.66 8.62 22.10
CA LYS A 93 -16.85 8.91 21.30
C LYS A 93 -16.64 10.22 20.54
N LEU A 94 -17.47 10.45 19.52
CA LEU A 94 -17.32 11.64 18.68
C LEU A 94 -17.53 12.93 19.46
N THR A 95 -18.46 12.94 20.40
CA THR A 95 -18.74 14.16 21.17
C THR A 95 -17.67 14.48 22.21
N ASP A 96 -16.67 13.61 22.39
CA ASP A 96 -15.58 13.90 23.30
C ASP A 96 -14.66 15.00 22.78
N ILE A 97 -14.68 15.29 21.48
CA ILE A 97 -13.77 16.29 20.91
C ILE A 97 -14.07 17.64 21.54
N PRO A 98 -13.10 18.56 21.60
CA PRO A 98 -13.34 19.89 22.19
C PRO A 98 -14.45 20.64 21.48
N GLU A 99 -15.20 21.42 22.26
CA GLU A 99 -16.32 22.16 21.71
C GLU A 99 -15.86 23.24 20.74
N GLN A 100 -14.60 23.67 20.82
CA GLN A 100 -14.06 24.72 19.95
C GLN A 100 -13.57 24.21 18.60
N VAL A 101 -13.75 22.92 18.29
CA VAL A 101 -13.44 22.41 16.95
C VAL A 101 -14.43 23.00 15.96
N ASP A 102 -13.91 23.66 14.94
CA ASP A 102 -14.77 24.30 13.96
C ASP A 102 -15.39 23.29 13.01
N MET A 103 -14.60 22.33 12.56
CA MET A 103 -15.01 21.35 11.58
C MET A 103 -14.36 20.00 11.83
N VAL A 104 -15.15 18.94 11.74
CA VAL A 104 -14.65 17.58 11.87
C VAL A 104 -14.99 16.79 10.61
N SER A 105 -14.05 15.97 10.14
CA SER A 105 -14.27 15.16 8.95
C SER A 105 -14.33 13.70 9.36
N LEU A 106 -15.46 13.05 9.04
CA LEU A 106 -15.64 11.64 9.33
C LEU A 106 -14.92 10.78 8.29
N PHE A 107 -13.93 10.04 8.76
CA PHE A 107 -13.17 9.12 7.94
C PHE A 107 -13.76 7.73 8.11
N HIS A 108 -14.69 7.37 7.23
CA HIS A 108 -15.47 6.16 7.40
C HIS A 108 -14.94 5.12 6.42
N VAL A 109 -14.48 3.99 6.94
CA VAL A 109 -13.98 2.94 6.07
C VAL A 109 -14.75 1.65 6.35
N PRO A 110 -15.61 1.21 5.44
CA PRO A 110 -16.41 0.02 5.71
C PRO A 110 -15.57 -1.23 5.94
N ASP A 111 -14.39 -1.34 5.31
CA ASP A 111 -13.60 -2.55 5.51
C ASP A 111 -12.97 -2.62 6.90
N ASN A 112 -13.03 -1.56 7.70
CA ASN A 112 -12.41 -1.53 9.02
C ASN A 112 -13.36 -1.92 10.15
N GLN A 113 -14.61 -2.23 9.83
CA GLN A 113 -15.57 -2.62 10.85
C GLN A 113 -16.53 -3.61 10.23
N LYS A 114 -17.23 -4.33 11.10
CA LYS A 114 -18.26 -5.24 10.64
C LYS A 114 -19.52 -4.49 10.19
N SER A 115 -20.05 -3.57 11.01
CA SER A 115 -21.27 -2.82 10.69
C SER A 115 -21.23 -1.39 11.25
N ASP A 116 -21.89 -0.46 10.55
CA ASP A 116 -21.99 0.92 10.99
C ASP A 116 -23.41 1.39 11.36
N GLN A 117 -24.39 0.49 11.42
CA GLN A 117 -25.77 0.94 11.66
C GLN A 117 -25.91 1.65 13.03
N ARG A 118 -25.37 1.04 14.08
CA ARG A 118 -25.42 1.67 15.40
C ARG A 118 -24.69 3.01 15.39
N PHE A 119 -23.56 3.10 14.66
CA PHE A 119 -22.81 4.34 14.64
C PHE A 119 -23.63 5.45 14.00
N TRP A 120 -24.26 5.17 12.85
CA TRP A 120 -25.04 6.23 12.21
C TRP A 120 -26.30 6.55 13.00
N GLU A 121 -26.90 5.56 13.65
CA GLU A 121 -28.05 5.88 14.50
C GLU A 121 -27.65 6.78 15.65
N THR A 122 -26.50 6.52 16.29
CA THR A 122 -26.02 7.38 17.36
C THR A 122 -25.65 8.77 16.84
N PHE A 123 -25.06 8.83 15.65
CA PHE A 123 -24.68 10.10 15.06
C PHE A 123 -25.90 10.96 14.78
N ASP A 124 -26.92 10.38 14.16
CA ASP A 124 -28.13 11.13 13.87
C ASP A 124 -28.85 11.52 15.15
N LYS A 125 -28.91 10.63 16.15
CA LYS A 125 -29.66 10.89 17.38
C LYS A 125 -28.91 11.76 18.38
N GLU A 126 -27.63 11.46 18.62
CA GLU A 126 -26.89 12.02 19.75
C GLU A 126 -25.76 12.91 19.26
N TYR A 127 -24.86 12.39 18.43
CA TYR A 127 -23.66 13.13 18.07
C TYR A 127 -23.98 14.41 17.31
N HIS A 128 -24.71 14.29 16.21
CA HIS A 128 -24.92 15.43 15.34
C HIS A 128 -25.69 16.57 16.00
N PRO A 129 -26.74 16.32 16.80
CA PRO A 129 -27.38 17.46 17.48
C PRO A 129 -26.43 18.18 18.43
N THR A 130 -25.60 17.44 19.17
CA THR A 130 -24.64 18.09 20.06
C THR A 130 -23.60 18.90 19.28
N LEU A 131 -23.06 18.36 18.19
CA LEU A 131 -22.08 19.09 17.41
C LEU A 131 -22.70 20.32 16.75
N LYS A 132 -23.96 20.23 16.30
CA LYS A 132 -24.64 21.40 15.76
C LYS A 132 -24.85 22.45 16.83
N GLU A 133 -25.18 22.02 18.05
CA GLU A 133 -25.32 22.95 19.17
C GLU A 133 -23.99 23.65 19.45
N ARG A 134 -22.88 22.90 19.39
CA ARG A 134 -21.57 23.52 19.57
C ARG A 134 -21.17 24.38 18.39
N GLY A 135 -21.83 24.24 17.24
CA GLY A 135 -21.42 24.92 16.02
C GLY A 135 -20.29 24.29 15.24
N THR A 136 -20.07 22.99 15.38
CA THR A 136 -19.01 22.27 14.68
C THR A 136 -19.58 21.64 13.40
N LYS A 137 -19.01 22.01 12.24
CA LYS A 137 -19.42 21.43 10.96
C LYS A 137 -18.89 20.00 10.84
N VAL A 138 -19.65 19.17 10.12
CA VAL A 138 -19.26 17.78 9.91
C VAL A 138 -19.24 17.48 8.43
N VAL A 139 -18.08 17.07 7.92
CA VAL A 139 -17.94 16.69 6.53
C VAL A 139 -17.53 15.22 6.44
N ARG A 140 -17.53 14.71 5.22
CA ARG A 140 -17.23 13.30 4.95
C ARG A 140 -16.06 13.20 3.98
N THR A 141 -15.10 12.33 4.29
CA THR A 141 -13.90 12.14 3.49
C THR A 141 -14.10 10.97 2.53
N ILE A 142 -13.75 11.20 1.26
CA ILE A 142 -13.82 10.16 0.24
C ILE A 142 -12.48 10.09 -0.48
N GLY A 143 -12.04 8.86 -0.74
CA GLY A 143 -10.77 8.62 -1.42
C GLY A 143 -10.88 8.80 -2.92
N ALA A 144 -9.84 9.39 -3.53
CA ALA A 144 -9.85 9.58 -4.97
C ALA A 144 -9.86 8.27 -5.74
N LYS A 145 -9.34 7.19 -5.13
CA LYS A 145 -9.34 5.89 -5.81
C LYS A 145 -10.76 5.41 -6.07
N LEU A 146 -11.65 5.60 -5.10
CA LEU A 146 -13.05 5.24 -5.29
C LEU A 146 -13.69 6.07 -6.40
N LEU A 147 -13.36 7.37 -6.45
CA LEU A 147 -13.88 8.23 -7.52
C LEU A 147 -13.41 7.76 -8.89
N LEU A 148 -12.13 7.41 -9.01
CA LEU A 148 -11.59 6.95 -10.29
C LEU A 148 -12.21 5.61 -10.69
N ASN A 149 -12.48 4.77 -9.70
CA ASN A 149 -13.18 3.53 -9.97
C ASN A 149 -14.58 3.81 -10.52
N LYS A 150 -15.30 4.77 -9.93
CA LYS A 150 -16.61 5.12 -10.44
C LYS A 150 -16.51 5.73 -11.84
N ILE A 151 -15.47 6.52 -12.11
CA ILE A 151 -15.28 7.04 -13.46
C ILE A 151 -15.10 5.88 -14.43
N LYS A 152 -14.32 4.88 -14.03
CA LYS A 152 -14.05 3.72 -14.89
C LYS A 152 -15.29 2.86 -15.11
N GLU A 153 -16.13 2.67 -14.09
CA GLU A 153 -17.35 1.88 -14.26
C GLU A 153 -18.27 2.47 -15.32
N LYS A 154 -18.24 3.78 -15.50
CA LYS A 154 -19.05 4.43 -16.52
C LYS A 154 -18.48 4.25 -17.92
N GLY A 155 -17.32 3.64 -18.06
CA GLY A 155 -16.67 3.54 -19.35
C GLY A 155 -15.91 4.79 -19.79
N LEU A 156 -15.71 5.78 -18.91
CA LEU A 156 -15.04 6.99 -19.32
C LEU A 156 -13.52 6.73 -19.32
N TYR A 157 -12.83 7.23 -20.33
CA TYR A 157 -11.37 7.27 -20.36
C TYR A 157 -10.83 8.61 -19.88
N GLY A 158 -11.47 9.65 -20.38
CA GLY A 158 -11.42 11.07 -20.13
C GLY A 158 -10.63 11.64 -21.28
N GLN A 159 -11.41 11.96 -22.29
CA GLN A 159 -11.01 12.49 -23.57
C GLN A 159 -12.17 13.38 -23.97
N SER A 160 -11.98 14.17 -25.00
CA SER A 160 -13.07 15.03 -25.40
C SER A 160 -14.15 14.14 -26.02
N ARG A 161 -15.25 14.75 -26.42
CA ARG A 161 -16.39 14.04 -26.99
C ARG A 161 -17.02 13.03 -26.04
N GLU A 162 -16.80 13.13 -24.75
CA GLU A 162 -17.52 12.19 -23.90
C GLU A 162 -18.72 12.94 -23.34
N ASP A 163 -19.65 12.16 -22.80
CA ASP A 163 -20.88 12.66 -22.18
C ASP A 163 -20.64 13.24 -20.78
N ASP A 164 -20.43 14.54 -20.65
CA ASP A 164 -20.06 14.96 -19.29
C ASP A 164 -21.21 14.83 -18.28
N SER A 165 -22.43 14.46 -18.71
CA SER A 165 -23.49 14.17 -17.74
C SER A 165 -23.15 12.96 -16.89
N LYS A 166 -22.25 12.10 -17.34
CA LYS A 166 -21.91 10.94 -16.51
C LYS A 166 -21.11 11.36 -15.30
N TYR A 167 -20.21 12.33 -15.45
CA TYR A 167 -19.54 12.92 -14.29
C TYR A 167 -20.55 13.53 -13.32
N ARG A 168 -21.59 14.17 -13.86
CA ARG A 168 -22.64 14.75 -13.00
C ARG A 168 -23.42 13.67 -12.28
N GLU A 169 -23.65 12.54 -12.97
CA GLU A 169 -24.30 11.39 -12.36
C GLU A 169 -23.50 10.89 -11.17
N ILE A 170 -22.19 10.74 -11.37
CA ILE A 170 -21.32 10.27 -10.31
C ILE A 170 -21.33 11.26 -9.15
N ALA A 171 -21.28 12.55 -9.47
CA ALA A 171 -21.27 13.56 -8.41
C ALA A 171 -22.55 13.51 -7.61
N HIS A 172 -23.70 13.35 -8.28
CA HIS A 172 -24.97 13.31 -7.57
C HIS A 172 -25.08 12.04 -6.71
N GLU A 173 -24.62 10.90 -7.22
CA GLU A 173 -24.65 9.69 -6.42
C GLU A 173 -23.76 9.81 -5.18
N VAL A 174 -22.55 10.33 -5.35
CA VAL A 174 -21.66 10.51 -4.21
C VAL A 174 -22.23 11.53 -3.24
N TYR A 175 -22.83 12.61 -3.75
CA TYR A 175 -23.39 13.61 -2.83
C TYR A 175 -24.56 13.03 -2.04
N GLU A 176 -25.43 12.25 -2.69
CA GLU A 176 -26.55 11.67 -1.96
C GLU A 176 -26.07 10.67 -0.92
N GLU A 177 -25.13 9.79 -1.27
CA GLU A 177 -24.69 8.80 -0.30
C GLU A 177 -23.84 9.40 0.83
N TYR A 178 -22.88 10.26 0.49
CA TYR A 178 -21.83 10.65 1.43
C TYR A 178 -22.18 11.90 2.21
N VAL A 179 -22.89 12.85 1.60
CA VAL A 179 -23.15 14.14 2.22
C VAL A 179 -24.61 14.26 2.64
N ALA A 180 -25.54 14.10 1.69
CA ALA A 180 -26.94 14.39 1.95
C ALA A 180 -27.60 13.38 2.87
N LYS A 181 -27.13 12.13 2.83
CA LYS A 181 -27.82 11.07 3.56
C LYS A 181 -27.87 11.33 5.06
N HIS A 182 -26.79 11.88 5.61
CA HIS A 182 -26.73 12.15 7.03
C HIS A 182 -26.63 13.63 7.34
N ASN A 183 -27.13 14.47 6.42
CA ASN A 183 -27.21 15.91 6.65
C ASN A 183 -25.83 16.48 6.96
N LEU A 184 -24.83 15.99 6.23
CA LEU A 184 -23.48 16.46 6.48
C LEU A 184 -23.27 17.80 5.77
N ASP A 185 -22.15 18.44 6.07
CA ASP A 185 -21.90 19.80 5.60
C ASP A 185 -21.05 19.88 4.35
N GLY A 186 -20.54 18.76 3.86
CA GLY A 186 -19.79 18.78 2.63
C GLY A 186 -18.89 17.57 2.52
N LEU A 187 -18.08 17.59 1.47
CA LEU A 187 -17.25 16.47 1.04
C LEU A 187 -15.80 16.91 1.00
N ASP A 188 -14.93 16.00 1.44
CA ASP A 188 -13.49 16.19 1.46
C ASP A 188 -12.88 15.10 0.58
N VAL A 189 -12.31 15.49 -0.55
CA VAL A 189 -11.71 14.54 -1.48
C VAL A 189 -10.23 14.40 -1.14
N ALA A 190 -9.81 13.19 -0.76
CA ALA A 190 -8.42 12.93 -0.45
C ALA A 190 -7.70 12.42 -1.71
N MET A 191 -6.74 13.20 -2.20
CA MET A 191 -6.00 12.87 -3.41
C MET A 191 -4.53 12.72 -3.06
N ALA A 192 -4.11 11.49 -2.78
CA ALA A 192 -2.73 11.16 -2.50
C ALA A 192 -2.20 10.14 -3.50
N LEU A 193 -2.62 10.27 -4.75
CA LEU A 193 -2.24 9.34 -5.80
C LEU A 193 -1.19 10.00 -6.69
N ARG A 194 -0.01 9.40 -6.78
CA ARG A 194 1.06 9.96 -7.59
C ARG A 194 0.81 9.79 -9.08
N GLU A 195 -0.06 8.85 -9.47
CA GLU A 195 -0.29 8.58 -10.87
C GLU A 195 -1.14 9.64 -11.56
N VAL A 196 -1.91 10.43 -10.79
CA VAL A 196 -2.77 11.46 -11.39
C VAL A 196 -1.94 12.48 -12.14
N GLU A 197 -0.86 12.94 -11.52
CA GLU A 197 0.00 13.93 -12.15
C GLU A 197 0.71 13.40 -13.40
N LYS A 198 0.96 12.09 -13.47
CA LYS A 198 1.71 11.48 -14.56
C LYS A 198 0.91 11.28 -15.85
N TYR A 199 -0.42 11.08 -15.74
CA TYR A 199 -1.25 10.70 -16.88
C TYR A 199 -2.25 11.79 -17.22
N THR A 200 -2.28 12.21 -18.48
CA THR A 200 -3.20 13.25 -18.92
C THR A 200 -4.66 12.87 -18.71
N ASN A 201 -5.02 11.62 -18.98
CA ASN A 201 -6.41 11.21 -18.86
C ASN A 201 -6.88 11.29 -17.42
N LEU A 202 -6.01 10.92 -16.46
CA LEU A 202 -6.33 11.04 -15.05
C LEU A 202 -6.49 12.49 -14.62
N ARG A 203 -5.66 13.40 -15.15
CA ARG A 203 -5.87 14.82 -14.86
C ARG A 203 -7.19 15.30 -15.40
N TRP A 204 -7.55 14.90 -16.62
CA TRP A 204 -8.84 15.26 -17.19
C TRP A 204 -9.98 14.76 -16.34
N GLN A 205 -9.90 13.49 -15.92
CA GLN A 205 -10.93 12.89 -15.08
C GLN A 205 -11.09 13.65 -13.77
N LEU A 206 -9.98 13.94 -13.10
CA LEU A 206 -10.04 14.64 -11.82
C LEU A 206 -10.67 16.01 -12.01
N ARG A 207 -10.26 16.74 -13.05
CA ARG A 207 -10.82 18.06 -13.29
C ARG A 207 -12.33 17.94 -13.50
N LYS A 208 -12.78 16.96 -14.31
CA LYS A 208 -14.20 16.87 -14.61
C LYS A 208 -15.03 16.47 -13.40
N ILE A 209 -14.55 15.53 -12.60
CA ILE A 209 -15.32 15.15 -11.41
C ILE A 209 -15.35 16.29 -10.39
N MET A 210 -14.25 17.04 -10.26
CA MET A 210 -14.28 18.15 -9.31
C MET A 210 -15.17 19.28 -9.79
N GLY A 211 -15.24 19.51 -11.10
CA GLY A 211 -16.18 20.49 -11.62
C GLY A 211 -17.63 20.06 -11.41
N ALA A 212 -17.92 18.77 -11.66
CA ALA A 212 -19.26 18.26 -11.39
C ALA A 212 -19.64 18.43 -9.92
N PHE A 213 -18.69 18.19 -9.01
CA PHE A 213 -18.90 18.45 -7.58
C PHE A 213 -19.11 19.93 -7.28
N SER A 214 -18.47 20.84 -8.02
CA SER A 214 -18.62 22.26 -7.77
C SER A 214 -20.05 22.75 -8.01
N GLU A 215 -20.81 22.06 -8.85
CA GLU A 215 -22.24 22.36 -9.01
C GLU A 215 -23.05 22.04 -7.75
N LEU A 216 -22.53 21.21 -6.86
CA LEU A 216 -23.22 20.82 -5.63
C LEU A 216 -22.59 21.38 -4.37
N MET A 217 -21.28 21.64 -4.36
CA MET A 217 -20.61 22.13 -3.16
C MET A 217 -19.61 23.22 -3.55
N GLY A 218 -19.12 23.96 -2.55
CA GLY A 218 -18.10 24.96 -2.82
C GLY A 218 -18.62 26.31 -3.25
N PRO A 219 -17.69 27.21 -3.55
CA PRO A 219 -18.07 28.58 -3.93
C PRO A 219 -18.82 28.64 -5.24
N LYS A 220 -18.58 27.70 -6.15
CA LYS A 220 -19.26 27.73 -7.44
C LYS A 220 -20.67 27.17 -7.40
N ALA A 221 -21.10 26.55 -6.30
CA ALA A 221 -22.42 25.90 -6.30
C ALA A 221 -23.54 26.94 -6.24
N PRO A 222 -24.58 26.81 -7.06
CA PRO A 222 -25.71 27.75 -6.93
C PRO A 222 -26.47 27.60 -5.61
N GLY A 223 -26.46 26.41 -5.01
CA GLY A 223 -27.07 26.21 -3.71
C GLY A 223 -26.42 27.02 -2.60
N ASN A 224 -25.16 27.43 -2.79
CA ASN A 224 -24.48 28.25 -1.81
C ASN A 224 -24.54 29.72 -2.17
N ALA A 225 -25.49 30.11 -3.02
CA ALA A 225 -25.60 31.50 -3.42
C ALA A 225 -25.89 32.36 -2.20
N GLY A 226 -25.09 33.41 -2.06
CA GLY A 226 -25.07 34.35 -0.96
C GLY A 226 -24.57 33.79 0.35
N LYS A 227 -24.04 32.58 0.35
CA LYS A 227 -23.48 31.99 1.55
C LYS A 227 -21.96 31.87 1.39
N LYS A 228 -21.28 31.81 2.51
CA LYS A 228 -19.83 31.72 2.64
C LYS A 228 -19.47 30.64 3.64
N PRO A 229 -18.28 30.05 3.51
CA PRO A 229 -17.82 29.13 4.54
C PRO A 229 -17.95 29.78 5.90
N GLY A 230 -18.56 29.04 6.83
CA GLY A 230 -18.92 29.52 8.13
C GLY A 230 -20.39 29.83 8.30
N ASP A 231 -21.12 30.07 7.21
CA ASP A 231 -22.57 30.27 7.31
C ASP A 231 -23.31 28.96 7.57
N ASP A 232 -24.48 29.08 8.17
CA ASP A 232 -25.29 27.90 8.43
C ASP A 232 -25.82 27.39 7.09
N GLY A 233 -25.76 26.07 6.90
CA GLY A 233 -26.23 25.49 5.66
C GLY A 233 -25.24 25.51 4.50
N TYR A 234 -24.06 26.06 4.68
CA TYR A 234 -23.08 26.05 3.61
C TYR A 234 -22.60 24.64 3.30
N LYS A 235 -22.44 24.31 2.02
CA LYS A 235 -21.96 22.99 1.62
C LYS A 235 -20.52 23.14 1.15
N TYR A 236 -19.61 22.52 1.88
CA TYR A 236 -18.19 22.68 1.61
C TYR A 236 -17.70 21.66 0.58
N LEU A 237 -16.74 22.08 -0.22
CA LEU A 237 -15.95 21.21 -1.08
C LEU A 237 -14.49 21.38 -0.68
N ILE A 238 -13.89 20.29 -0.21
CA ILE A 238 -12.58 20.31 0.44
C ILE A 238 -11.67 19.32 -0.29
N TYR A 239 -10.39 19.66 -0.35
CA TYR A 239 -9.38 18.90 -1.07
C TYR A 239 -8.16 18.72 -0.17
N ASP A 240 -7.86 17.47 0.21
CA ASP A 240 -6.64 17.19 0.96
C ASP A 240 -5.70 16.32 0.11
N THR A 241 -4.41 16.64 0.16
CA THR A 241 -3.50 16.13 -0.87
C THR A 241 -2.06 16.30 -0.40
N PHE A 242 -1.12 16.03 -1.30
CA PHE A 242 0.30 16.18 -1.01
C PHE A 242 0.64 17.61 -0.59
N ASP A 243 1.73 17.73 0.16
CA ASP A 243 2.32 19.03 0.46
C ASP A 243 3.23 19.52 -0.66
N ASN A 244 3.22 18.83 -1.78
CA ASN A 244 3.88 19.25 -3.00
C ASN A 244 2.81 19.68 -4.00
N ALA A 245 2.83 20.96 -4.39
CA ALA A 245 1.77 21.51 -5.21
C ALA A 245 1.71 20.84 -6.58
N GLN A 246 2.85 20.42 -7.11
CA GLN A 246 2.88 19.77 -8.42
C GLN A 246 2.24 18.39 -8.36
N LEU A 247 2.66 17.55 -7.40
CA LEU A 247 2.03 16.25 -7.19
C LEU A 247 0.56 16.40 -6.81
N ALA A 248 0.23 17.46 -6.09
CA ALA A 248 -1.13 17.68 -5.65
C ALA A 248 -2.08 17.94 -6.80
N GLN A 249 -1.57 18.47 -7.92
CA GLN A 249 -2.41 18.91 -9.05
C GLN A 249 -3.49 19.87 -8.58
N VAL A 250 -3.13 20.74 -7.63
CA VAL A 250 -4.08 21.69 -7.05
C VAL A 250 -4.60 22.67 -8.10
N ALA A 251 -3.86 22.89 -9.21
CA ALA A 251 -4.34 23.76 -10.26
C ALA A 251 -5.65 23.27 -10.87
N LEU A 252 -5.97 21.98 -10.73
CA LEU A 252 -7.23 21.48 -11.24
C LEU A 252 -8.41 21.75 -10.32
N VAL A 253 -8.19 22.04 -9.05
CA VAL A 253 -9.29 22.20 -8.10
C VAL A 253 -9.30 23.56 -7.41
N ALA A 254 -8.34 24.44 -7.69
CA ALA A 254 -8.19 25.66 -6.89
C ALA A 254 -9.43 26.55 -6.96
N ASP A 255 -10.10 26.55 -8.10
CA ASP A 255 -11.21 27.46 -8.34
C ASP A 255 -12.52 26.91 -7.82
N VAL A 256 -12.57 25.66 -7.36
CA VAL A 256 -13.83 25.04 -6.99
C VAL A 256 -13.86 24.60 -5.54
N VAL A 257 -12.78 24.74 -4.80
CA VAL A 257 -12.68 24.20 -3.44
C VAL A 257 -12.65 25.35 -2.44
N ASP A 258 -13.22 25.08 -1.27
CA ASP A 258 -13.17 26.05 -0.19
C ASP A 258 -11.81 26.02 0.51
N TYR A 259 -11.26 24.83 0.72
CA TYR A 259 -10.02 24.62 1.48
C TYR A 259 -9.13 23.61 0.77
N VAL A 260 -7.83 23.83 0.88
CA VAL A 260 -6.81 22.88 0.41
C VAL A 260 -6.01 22.46 1.63
N LEU A 261 -6.05 21.16 1.94
CA LEU A 261 -5.36 20.61 3.11
C LEU A 261 -4.07 19.93 2.66
N ALA A 262 -2.94 20.56 2.95
CA ALA A 262 -1.63 20.03 2.60
C ALA A 262 -1.12 19.10 3.70
N GLN A 263 -0.78 17.87 3.33
CA GLN A 263 -0.35 16.88 4.32
C GLN A 263 1.11 17.11 4.68
N THR A 264 1.32 18.08 5.56
CA THR A 264 2.66 18.43 6.03
C THR A 264 3.06 17.61 7.25
N TYR A 265 2.88 16.29 7.16
CA TYR A 265 3.03 15.45 8.33
C TYR A 265 4.47 15.30 8.77
N ASP A 266 5.44 15.65 7.93
CA ASP A 266 6.84 15.52 8.28
C ASP A 266 7.55 16.86 8.48
N LYS A 267 6.83 17.98 8.46
CA LYS A 267 7.47 19.29 8.54
C LYS A 267 7.76 19.77 9.95
N GLY A 268 6.79 20.38 10.60
CA GLY A 268 7.00 20.86 11.96
C GLY A 268 7.90 22.07 12.14
N THR A 269 8.26 22.78 11.08
CA THR A 269 9.07 23.98 11.22
C THR A 269 8.39 25.08 10.42
N GLU A 270 8.31 26.29 10.97
CA GLU A 270 7.63 27.37 10.24
C GLU A 270 8.29 27.63 8.88
N GLU A 271 9.62 27.53 8.80
CA GLU A 271 10.27 27.78 7.52
C GLU A 271 9.88 26.71 6.49
N SER A 272 9.75 25.45 6.91
CA SER A 272 9.36 24.40 5.97
C SER A 272 7.92 24.58 5.49
N ILE A 273 7.03 24.98 6.39
CA ILE A 273 5.67 25.29 5.98
C ILE A 273 5.65 26.49 5.03
N THR A 274 6.50 27.49 5.27
CA THR A 274 6.60 28.61 4.33
C THR A 274 7.04 28.13 2.97
N ARG A 275 7.97 27.17 2.93
CA ARG A 275 8.44 26.63 1.65
C ARG A 275 7.31 25.91 0.91
N VAL A 276 6.52 25.11 1.64
CA VAL A 276 5.36 24.45 1.05
C VAL A 276 4.37 25.47 0.51
N TRP A 277 4.06 26.48 1.33
CA TRP A 277 3.09 27.50 0.92
C TRP A 277 3.57 28.27 -0.29
N ASN A 278 4.87 28.58 -0.35
CA ASN A 278 5.40 29.24 -1.54
C ASN A 278 5.27 28.35 -2.76
N GLY A 279 5.30 27.02 -2.55
CA GLY A 279 4.96 26.11 -3.64
C GLY A 279 3.51 26.22 -4.10
N PHE A 280 2.58 26.48 -3.16
CA PHE A 280 1.17 26.55 -3.52
C PHE A 280 0.65 27.94 -3.88
N ARG A 281 1.38 29.03 -3.59
CA ARG A 281 0.76 30.36 -3.51
C ARG A 281 0.25 30.90 -4.85
N ASP A 282 0.78 30.44 -5.99
CA ASP A 282 0.30 30.99 -7.26
C ASP A 282 -0.94 30.29 -7.78
N LYS A 283 -1.32 29.16 -7.21
CA LYS A 283 -2.52 28.42 -7.60
C LYS A 283 -3.71 28.75 -6.69
N ILE A 284 -3.47 28.90 -5.38
CA ILE A 284 -4.54 29.15 -4.43
C ILE A 284 -4.19 30.39 -3.60
N ASN A 285 -5.19 30.91 -2.88
CA ASN A 285 -4.94 31.99 -1.95
C ASN A 285 -4.77 31.41 -0.55
N SER A 286 -4.14 32.19 0.34
CA SER A 286 -3.77 31.69 1.64
C SER A 286 -4.99 31.32 2.47
N CYS A 287 -6.14 31.93 2.20
CA CYS A 287 -7.36 31.61 2.93
C CYS A 287 -7.84 30.20 2.66
N GLN A 288 -7.40 29.60 1.55
CA GLN A 288 -7.75 28.22 1.27
C GLN A 288 -6.79 27.23 1.91
N PHE A 289 -5.60 27.70 2.29
CA PHE A 289 -4.49 26.82 2.65
C PHE A 289 -4.60 26.42 4.12
N LEU A 290 -4.47 25.12 4.38
CA LEU A 290 -4.31 24.57 5.72
C LEU A 290 -3.12 23.63 5.70
N ALA A 291 -2.21 23.83 6.64
CA ALA A 291 -1.12 22.90 6.91
C ALA A 291 -1.47 22.08 8.15
N GLY A 292 -0.92 20.87 8.24
CA GLY A 292 -1.38 19.98 9.29
C GLY A 292 -0.30 19.05 9.83
N TYR A 293 -0.74 18.21 10.77
CA TYR A 293 0.12 17.23 11.42
C TYR A 293 -0.72 15.99 11.67
N ALA A 294 -0.05 14.87 11.91
CA ALA A 294 -0.71 13.59 12.12
C ALA A 294 -0.32 13.03 13.48
N HIS A 295 -1.32 12.56 14.22
CA HIS A 295 -1.10 11.90 15.49
C HIS A 295 -0.73 10.43 15.27
N PRO A 296 0.18 9.89 16.07
CA PRO A 296 0.58 8.48 15.90
C PRO A 296 -0.57 7.50 15.99
N GLU A 297 -0.63 6.58 15.03
CA GLU A 297 -1.68 5.57 14.98
C GLU A 297 -1.11 4.23 15.45
N GLU A 298 -1.99 3.39 16.00
CA GLU A 298 -1.55 2.06 16.41
C GLU A 298 -1.27 1.23 15.16
N ASN A 299 -0.14 0.50 15.16
CA ASN A 299 0.24 -0.36 14.04
C ASN A 299 0.29 0.40 12.71
N ASP A 300 0.95 1.56 12.72
CA ASP A 300 0.88 2.51 11.61
C ASP A 300 2.03 2.34 10.62
N THR A 301 3.24 2.10 11.12
CA THR A 301 4.45 1.97 10.31
C THR A 301 4.87 3.27 9.62
N ASN A 302 4.04 4.32 9.70
CA ASN A 302 4.32 5.54 8.95
C ASN A 302 5.35 6.42 9.65
N ARG A 303 5.25 6.55 10.99
CA ARG A 303 6.16 7.39 11.77
C ARG A 303 6.09 8.86 11.39
N PHE A 304 5.11 9.54 11.95
CA PHE A 304 4.97 10.99 11.89
C PHE A 304 5.29 11.54 13.27
N LEU A 305 6.29 12.40 13.37
CA LEU A 305 6.90 12.74 14.64
C LEU A 305 6.60 14.16 15.12
N THR A 306 5.80 14.94 14.39
CA THR A 306 5.64 16.35 14.75
C THR A 306 4.74 16.53 15.97
N ALA A 307 3.81 15.60 16.24
CA ALA A 307 2.85 15.74 17.33
C ALA A 307 3.15 14.80 18.49
N ILE A 308 4.43 14.65 18.85
CA ILE A 308 4.84 13.79 19.94
C ILE A 308 5.59 14.64 20.96
N GLY A 309 5.42 14.30 22.24
CA GLY A 309 6.12 14.98 23.31
C GLY A 309 5.38 16.15 23.91
N ASP A 310 6.13 17.11 24.42
CA ASP A 310 5.53 18.27 25.04
C ASP A 310 4.73 19.04 23.99
N VAL A 311 3.52 19.42 24.37
CA VAL A 311 2.59 20.04 23.43
C VAL A 311 3.10 21.41 22.99
N ASP A 312 3.43 22.28 23.96
CA ASP A 312 3.72 23.67 23.66
C ASP A 312 5.03 23.86 22.86
N THR A 313 5.93 22.87 22.87
CA THR A 313 7.19 22.95 22.12
C THR A 313 7.22 22.05 20.90
N SER A 314 6.13 21.36 20.59
CA SER A 314 6.09 20.43 19.47
C SER A 314 6.08 21.16 18.13
N GLY A 315 6.52 20.43 17.09
CA GLY A 315 6.44 20.97 15.75
C GLY A 315 5.01 21.16 15.29
N ALA A 316 4.09 20.34 15.81
CA ALA A 316 2.68 20.49 15.48
C ALA A 316 2.16 21.87 15.88
N MET A 317 2.58 22.37 17.04
CA MET A 317 2.18 23.71 17.45
C MET A 317 2.92 24.81 16.69
N ASN A 318 4.10 24.52 16.15
CA ASN A 318 4.72 25.44 15.21
C ASN A 318 3.88 25.59 13.94
N VAL A 319 3.35 24.46 13.46
CA VAL A 319 2.45 24.49 12.30
C VAL A 319 1.15 25.21 12.62
N ALA A 320 0.58 24.93 13.79
CA ALA A 320 -0.67 25.57 14.16
C ALA A 320 -0.47 27.08 14.29
N ALA A 321 0.68 27.50 14.85
CA ALA A 321 0.99 28.91 15.01
C ALA A 321 1.46 29.60 13.72
N TRP A 322 1.89 28.86 12.72
CA TRP A 322 2.42 29.44 11.49
C TRP A 322 1.38 30.29 10.77
N LYS A 323 1.85 31.38 10.14
CA LYS A 323 0.99 32.19 9.30
C LYS A 323 1.75 32.53 8.03
N PRO A 324 1.04 32.62 6.90
CA PRO A 324 1.70 33.03 5.64
C PRO A 324 2.16 34.47 5.72
N GLU A 325 3.39 34.72 5.28
CA GLU A 325 3.95 36.06 5.42
C GLU A 325 3.09 37.04 4.64
N GLY A 326 2.55 38.05 5.34
CA GLY A 326 1.67 39.04 4.73
C GLY A 326 0.25 38.58 4.51
N GLY A 327 -0.17 37.49 5.18
CA GLY A 327 -1.50 36.94 4.99
C GLY A 327 -2.02 36.11 6.15
N GLU A 328 -3.27 35.70 5.99
CA GLU A 328 -3.96 34.83 6.92
C GLU A 328 -4.17 33.49 6.23
N LYS A 329 -4.15 32.42 7.01
CA LYS A 329 -4.28 31.08 6.47
C LYS A 329 -5.70 30.55 6.68
N GLY A 330 -6.01 29.45 6.00
CA GLY A 330 -7.31 28.84 6.17
C GLY A 330 -7.50 28.23 7.54
N GLY A 331 -6.42 27.71 8.13
CA GLY A 331 -6.49 27.17 9.47
C GLY A 331 -5.44 26.08 9.64
N THR A 332 -5.78 25.13 10.52
CA THR A 332 -4.90 24.02 10.86
C THR A 332 -5.74 22.77 10.96
N PHE A 333 -5.16 21.65 10.54
CA PHE A 333 -5.84 20.36 10.62
C PHE A 333 -4.93 19.34 11.28
N ALA A 334 -5.58 18.31 11.84
CA ALA A 334 -4.89 17.21 12.51
C ALA A 334 -5.55 15.91 12.11
N TYR A 335 -4.74 14.90 11.83
CA TYR A 335 -5.25 13.57 11.49
C TYR A 335 -5.29 12.72 12.75
N ALA A 336 -6.36 11.94 12.90
CA ALA A 336 -6.59 11.00 14.01
C ALA A 336 -6.68 11.73 15.35
N LEU A 337 -7.84 12.39 15.53
CA LEU A 337 -8.09 13.14 16.77
C LEU A 337 -8.10 12.21 17.98
N ASP A 338 -8.56 10.97 17.81
CA ASP A 338 -8.60 10.05 18.92
C ASP A 338 -7.21 9.67 19.44
N ARG A 339 -6.17 9.87 18.64
CA ARG A 339 -4.80 9.56 19.05
C ARG A 339 -4.05 10.79 19.53
N ASP A 340 -4.78 11.84 19.91
CA ASP A 340 -4.16 13.07 20.37
C ASP A 340 -3.33 12.80 21.61
N GLY A 341 -2.03 13.07 21.50
CA GLY A 341 -1.09 12.87 22.58
C GLY A 341 -0.40 11.52 22.57
N ARG A 342 -0.82 10.61 21.72
CA ARG A 342 -0.17 9.31 21.74
C ARG A 342 1.20 9.39 21.03
N THR A 343 2.04 8.38 21.29
CA THR A 343 3.36 8.29 20.66
C THR A 343 3.45 6.96 19.93
N TYR A 344 4.65 6.62 19.46
CA TYR A 344 4.93 5.31 18.87
C TYR A 344 5.70 4.40 19.80
N ASP A 345 5.87 4.79 21.05
CA ASP A 345 6.71 4.08 21.99
C ASP A 345 5.90 3.30 23.01
N GLY A 346 6.51 2.23 23.52
CA GLY A 346 5.88 1.45 24.58
C GLY A 346 4.63 0.74 24.08
N ASP A 347 3.60 0.77 24.91
CA ASP A 347 2.32 0.14 24.59
C ASP A 347 1.50 0.97 23.63
N ASP A 348 1.91 2.22 23.39
CA ASP A 348 1.15 3.13 22.52
C ASP A 348 0.96 2.55 21.12
N LEU A 349 1.97 1.84 20.61
CA LEU A 349 1.89 1.29 19.25
C LEU A 349 0.82 0.20 19.15
N THR A 350 0.52 -0.46 20.24
CA THR A 350 -0.35 -1.64 20.26
C THR A 350 -1.59 -1.52 21.15
N THR A 351 -1.82 -0.39 21.81
CA THR A 351 -2.97 -0.26 22.69
C THR A 351 -3.71 1.03 22.37
N LEU A 352 -5.01 1.02 22.59
CA LEU A 352 -5.83 2.22 22.47
C LEU A 352 -6.07 2.80 23.86
N LYS A 353 -6.08 4.13 23.94
CA LYS A 353 -6.19 4.84 25.21
C LYS A 353 -7.10 6.03 25.02
N PRO A 354 -7.69 6.52 26.10
CA PRO A 354 -8.41 7.80 26.04
C PRO A 354 -7.42 8.94 25.78
N THR A 355 -7.97 10.09 25.42
CA THR A 355 -7.17 11.26 25.11
C THR A 355 -7.71 12.48 25.86
N ASP A 356 -6.82 13.40 26.19
CA ASP A 356 -7.20 14.66 26.79
C ASP A 356 -7.31 15.78 25.77
N PHE A 357 -7.00 15.50 24.50
CA PHE A 357 -7.09 16.48 23.42
C PHE A 357 -6.23 17.71 23.68
N ALA A 358 -5.07 17.49 24.31
CA ALA A 358 -4.19 18.61 24.64
C ALA A 358 -3.65 19.27 23.36
N PHE A 359 -3.15 18.45 22.43
CA PHE A 359 -2.69 19.00 21.15
C PHE A 359 -3.83 19.73 20.43
N THR A 360 -5.03 19.18 20.45
CA THR A 360 -6.15 19.82 19.77
C THR A 360 -6.48 21.18 20.37
N LYS A 361 -6.53 21.26 21.69
CA LYS A 361 -6.85 22.51 22.36
C LYS A 361 -5.78 23.56 22.08
N ARG A 362 -4.50 23.18 22.20
CA ARG A 362 -3.46 24.16 21.95
C ARG A 362 -3.41 24.62 20.51
N ALA A 363 -3.70 23.71 19.56
CA ALA A 363 -3.75 24.11 18.15
C ALA A 363 -4.90 25.07 17.91
N ILE A 364 -6.04 24.83 18.54
CA ILE A 364 -7.16 25.76 18.43
C ILE A 364 -6.76 27.13 18.96
N GLU A 365 -6.09 27.17 20.12
CA GLU A 365 -5.66 28.44 20.68
C GLU A 365 -4.72 29.18 19.72
N LEU A 366 -3.72 28.47 19.19
CA LEU A 366 -2.73 29.12 18.31
C LEU A 366 -3.33 29.51 16.95
N THR A 367 -4.31 28.75 16.47
CA THR A 367 -4.91 29.00 15.15
C THR A 367 -5.87 30.18 15.19
N LYS A 368 -6.72 30.23 16.21
CA LYS A 368 -7.76 31.24 16.31
C LYS A 368 -7.36 32.44 17.14
N GLY A 369 -6.20 32.40 17.80
CA GLY A 369 -5.76 33.49 18.66
C GLY A 369 -6.63 33.67 19.89
N ILE A 370 -7.14 32.59 20.46
CA ILE A 370 -7.97 32.63 21.65
C ILE A 370 -7.32 31.81 22.77
N SER A 371 -7.92 31.87 23.96
CA SER A 371 -7.43 31.10 25.10
C SER A 371 -8.46 30.11 25.63
N ALA B 51 14.34 -5.24 -20.92
CA ALA B 51 13.37 -4.99 -19.88
C ALA B 51 12.52 -3.79 -20.16
N ASP B 52 13.03 -2.91 -21.00
CA ASP B 52 12.26 -1.71 -21.32
C ASP B 52 12.78 -0.42 -20.66
N LYS B 53 12.87 -0.42 -19.35
CA LYS B 53 13.57 0.55 -18.58
C LYS B 53 14.52 -0.36 -17.82
N VAL B 54 15.78 0.01 -17.77
CA VAL B 54 16.81 -0.77 -17.17
C VAL B 54 17.65 0.12 -16.30
N GLY B 55 18.58 -0.46 -15.57
CA GLY B 55 19.41 0.31 -14.68
C GLY B 55 18.71 0.71 -13.41
N ALA B 56 19.44 1.48 -12.60
CA ALA B 56 18.92 1.93 -11.34
C ALA B 56 17.76 2.89 -11.61
N GLN B 57 16.65 2.68 -10.92
CA GLN B 57 15.49 3.53 -11.11
C GLN B 57 15.26 4.31 -9.81
N ALA B 58 15.28 5.65 -9.92
CA ALA B 58 15.08 6.49 -8.75
C ALA B 58 13.68 6.34 -8.20
N THR B 59 12.72 5.94 -9.03
CA THR B 59 11.35 5.76 -8.58
C THR B 59 10.83 4.45 -9.16
N CYS B 60 9.89 3.84 -8.45
CA CYS B 60 9.29 2.58 -8.86
C CYS B 60 7.78 2.67 -8.80
N ALA B 61 7.14 1.91 -9.68
CA ALA B 61 5.69 1.87 -9.71
C ALA B 61 5.14 1.28 -8.42
N ALA B 62 5.77 0.23 -7.91
CA ALA B 62 5.36 -0.43 -6.67
C ALA B 62 6.42 -0.26 -5.58
N LYS B 63 5.95 -0.13 -4.35
CA LYS B 63 6.83 0.01 -3.19
C LYS B 63 7.57 -1.31 -2.95
N PRO B 64 8.71 -1.26 -2.27
CA PRO B 64 9.48 -2.49 -2.03
C PRO B 64 8.65 -3.51 -1.25
N ILE B 65 8.77 -4.78 -1.63
CA ILE B 65 7.99 -5.84 -1.01
C ILE B 65 8.93 -6.82 -0.34
N PHE B 66 8.40 -7.54 0.65
CA PHE B 66 9.08 -8.70 1.21
C PHE B 66 8.44 -9.96 0.64
N PHE B 67 9.26 -10.82 0.02
CA PHE B 67 8.80 -12.04 -0.63
C PHE B 67 9.21 -13.24 0.20
N GLY B 68 8.27 -14.18 0.41
CA GLY B 68 8.55 -15.33 1.24
C GLY B 68 8.21 -16.67 0.64
N TYR B 69 9.19 -17.57 0.60
CA TYR B 69 8.97 -18.93 0.14
C TYR B 69 8.47 -19.80 1.28
N TYR B 70 7.37 -20.52 1.04
CA TYR B 70 6.73 -21.34 2.05
C TYR B 70 6.73 -22.80 1.58
N ARG B 71 7.36 -23.67 2.36
CA ARG B 71 7.44 -25.10 2.05
C ARG B 71 6.16 -25.77 2.52
N THR B 72 5.30 -26.20 1.56
CA THR B 72 3.99 -26.72 1.93
C THR B 72 4.08 -28.04 2.68
N TRP B 73 5.14 -28.81 2.44
CA TRP B 73 5.29 -30.07 3.15
C TRP B 73 5.69 -29.89 4.60
N ARG B 74 5.75 -28.65 5.06
CA ARG B 74 5.91 -28.37 6.48
C ARG B 74 4.67 -27.70 7.06
N ASP B 75 3.60 -27.60 6.27
CA ASP B 75 2.36 -27.04 6.78
C ASP B 75 1.57 -28.09 7.56
N LYS B 76 0.90 -27.63 8.62
CA LYS B 76 0.19 -28.54 9.51
C LYS B 76 -0.91 -29.32 8.80
N ALA B 77 -1.49 -28.73 7.76
CA ALA B 77 -2.62 -29.35 7.07
C ALA B 77 -2.20 -30.39 6.05
N ILE B 78 -0.92 -30.50 5.73
CA ILE B 78 -0.45 -31.46 4.73
C ILE B 78 -0.39 -32.86 5.35
N GLU B 79 -0.56 -33.88 4.52
CA GLU B 79 -0.49 -35.29 4.94
C GLU B 79 0.79 -35.93 4.44
N LEU B 80 1.75 -36.08 5.35
CA LEU B 80 3.00 -36.71 4.99
C LEU B 80 2.84 -38.24 4.89
N ASN B 81 3.89 -38.90 4.38
CA ASN B 81 3.90 -40.33 4.25
C ASN B 81 3.90 -41.01 5.61
N ASP B 82 3.49 -42.28 5.61
CA ASP B 82 3.35 -43.00 6.86
C ASP B 82 4.69 -43.23 7.55
N GLY B 83 5.71 -43.62 6.78
CA GLY B 83 7.03 -43.84 7.33
C GLY B 83 7.84 -42.61 7.62
N ASP B 84 7.29 -41.43 7.35
CA ASP B 84 8.02 -40.18 7.56
C ASP B 84 8.31 -39.96 9.04
N LYS B 85 9.58 -39.61 9.32
CA LYS B 85 10.01 -39.33 10.68
C LYS B 85 9.34 -38.08 11.26
N TRP B 86 8.80 -37.23 10.38
CA TRP B 86 8.12 -36.00 10.78
C TRP B 86 6.62 -36.08 10.51
N LYS B 87 6.03 -37.28 10.57
CA LYS B 87 4.58 -37.43 10.46
C LYS B 87 3.81 -36.54 11.43
N ASP B 88 4.37 -36.27 12.60
CA ASP B 88 3.88 -35.27 13.54
C ASP B 88 4.90 -34.13 13.58
N LYS B 89 5.00 -33.45 14.72
CA LYS B 89 6.01 -32.41 14.90
C LYS B 89 5.90 -31.29 13.88
N LEU B 90 4.76 -31.13 13.21
CA LEU B 90 4.58 -30.02 12.27
C LEU B 90 3.99 -28.82 13.03
N HIS B 91 4.86 -27.84 13.31
CA HIS B 91 4.52 -26.69 14.16
C HIS B 91 3.89 -25.51 13.42
N THR B 92 4.30 -25.23 12.20
CA THR B 92 3.97 -23.95 11.58
C THR B 92 2.72 -24.09 10.72
N LYS B 93 1.89 -23.06 10.75
CA LYS B 93 0.76 -22.91 9.83
C LYS B 93 1.04 -21.78 8.84
N LEU B 94 0.31 -21.79 7.72
CA LEU B 94 0.53 -20.75 6.71
C LEU B 94 0.20 -19.36 7.24
N THR B 95 -0.87 -19.27 8.04
CA THR B 95 -1.29 -17.99 8.60
C THR B 95 -0.42 -17.53 9.75
N ASP B 96 0.54 -18.35 10.18
CA ASP B 96 1.44 -17.93 11.23
C ASP B 96 2.43 -16.86 10.79
N ILE B 97 2.68 -16.71 9.49
CA ILE B 97 3.66 -15.74 9.01
C ILE B 97 3.20 -14.34 9.39
N PRO B 98 4.11 -13.37 9.53
CA PRO B 98 3.70 -12.01 9.87
C PRO B 98 2.76 -11.43 8.83
N GLU B 99 1.80 -10.62 9.30
CA GLU B 99 0.83 -10.03 8.40
C GLU B 99 1.44 -9.02 7.44
N GLN B 100 2.63 -8.51 7.75
CA GLN B 100 3.24 -7.52 6.87
C GLN B 100 3.97 -8.12 5.68
N VAL B 101 3.93 -9.44 5.52
CA VAL B 101 4.48 -10.09 4.32
C VAL B 101 3.62 -9.71 3.12
N ASP B 102 4.25 -9.13 2.12
CA ASP B 102 3.50 -8.68 0.94
C ASP B 102 3.12 -9.85 0.04
N MET B 103 4.03 -10.78 -0.18
CA MET B 103 3.82 -11.87 -1.10
C MET B 103 4.48 -13.14 -0.58
N VAL B 104 3.75 -14.25 -0.68
CA VAL B 104 4.20 -15.59 -0.29
C VAL B 104 4.10 -16.51 -1.50
N SER B 105 5.11 -17.35 -1.67
CA SER B 105 5.16 -18.32 -2.76
C SER B 105 5.02 -19.71 -2.19
N LEU B 106 4.01 -20.45 -2.65
CA LEU B 106 3.82 -21.83 -2.23
C LEU B 106 4.79 -22.71 -3.01
N PHE B 107 5.72 -23.33 -2.30
CA PHE B 107 6.69 -24.24 -2.89
C PHE B 107 6.14 -25.65 -2.64
N HIS B 108 5.40 -26.18 -3.61
CA HIS B 108 4.67 -27.42 -3.41
C HIS B 108 5.39 -28.53 -4.15
N VAL B 109 5.79 -29.57 -3.44
CA VAL B 109 6.50 -30.70 -4.03
C VAL B 109 5.72 -31.97 -3.72
N PRO B 110 5.06 -32.60 -4.70
CA PRO B 110 4.26 -33.80 -4.41
C PRO B 110 5.08 -34.94 -3.85
N ASP B 111 6.36 -35.07 -4.23
CA ASP B 111 7.12 -36.19 -3.71
C ASP B 111 7.45 -36.05 -2.23
N ASN B 112 7.18 -34.89 -1.62
CA ASN B 112 7.50 -34.67 -0.21
C ASN B 112 6.34 -34.98 0.73
N GLN B 113 5.19 -35.40 0.23
CA GLN B 113 4.05 -35.70 1.09
C GLN B 113 3.26 -36.84 0.47
N LYS B 114 2.44 -37.48 1.27
CA LYS B 114 1.56 -38.51 0.73
C LYS B 114 0.38 -37.88 -0.06
N SER B 115 -0.33 -36.91 0.53
CA SER B 115 -1.48 -36.26 -0.12
C SER B 115 -1.58 -34.79 0.28
N ASP B 116 -2.09 -33.96 -0.64
CA ASP B 116 -2.29 -32.54 -0.36
C ASP B 116 -3.76 -32.11 -0.34
N GLN B 117 -4.71 -33.04 -0.41
CA GLN B 117 -6.12 -32.63 -0.50
C GLN B 117 -6.53 -31.80 0.72
N ARG B 118 -6.22 -32.27 1.92
CA ARG B 118 -6.53 -31.53 3.15
C ARG B 118 -5.84 -30.16 3.16
N PHE B 119 -4.61 -30.09 2.64
CA PHE B 119 -3.88 -28.82 2.63
C PHE B 119 -4.59 -27.80 1.76
N TRP B 120 -5.02 -28.21 0.55
CA TRP B 120 -5.70 -27.28 -0.34
C TRP B 120 -7.08 -26.93 0.19
N GLU B 121 -7.76 -27.86 0.86
CA GLU B 121 -9.02 -27.50 1.49
C GLU B 121 -8.82 -26.46 2.58
N THR B 122 -7.77 -26.62 3.39
CA THR B 122 -7.49 -25.62 4.42
C THR B 122 -7.10 -24.29 3.80
N PHE B 123 -6.36 -24.33 2.69
CA PHE B 123 -5.97 -23.11 2.01
C PHE B 123 -7.19 -22.38 1.48
N ASP B 124 -8.08 -23.09 0.78
CA ASP B 124 -9.28 -22.47 0.24
C ASP B 124 -10.21 -21.94 1.34
N LYS B 125 -10.39 -22.70 2.41
CA LYS B 125 -11.34 -22.30 3.46
C LYS B 125 -10.76 -21.26 4.41
N GLU B 126 -9.53 -21.46 4.87
CA GLU B 126 -8.96 -20.72 5.99
C GLU B 126 -7.79 -19.85 5.57
N TYR B 127 -6.75 -20.42 4.96
CA TYR B 127 -5.52 -19.68 4.71
C TYR B 127 -5.77 -18.53 3.76
N HIS B 128 -6.32 -18.82 2.58
CA HIS B 128 -6.43 -17.80 1.53
C HIS B 128 -7.33 -16.62 1.94
N PRO B 129 -8.49 -16.83 2.59
CA PRO B 129 -9.27 -15.66 3.04
C PRO B 129 -8.52 -14.77 4.02
N THR B 130 -7.78 -15.39 4.95
CA THR B 130 -6.99 -14.60 5.89
C THR B 130 -5.90 -13.82 5.17
N LEU B 131 -5.21 -14.45 4.24
CA LEU B 131 -4.15 -13.76 3.51
C LEU B 131 -4.71 -12.65 2.65
N LYS B 132 -5.89 -12.86 2.06
CA LYS B 132 -6.55 -11.80 1.29
C LYS B 132 -6.95 -10.63 2.19
N GLU B 133 -7.42 -10.92 3.41
CA GLU B 133 -7.75 -9.84 4.34
C GLU B 133 -6.52 -9.02 4.69
N ARG B 134 -5.37 -9.68 4.91
CA ARG B 134 -4.13 -8.95 5.20
C ARG B 134 -3.57 -8.21 3.98
N GLY B 135 -4.01 -8.54 2.77
CA GLY B 135 -3.42 -7.99 1.56
C GLY B 135 -2.15 -8.66 1.10
N THR B 136 -1.93 -9.92 1.48
CA THR B 136 -0.73 -10.67 1.11
C THR B 136 -1.01 -11.50 -0.14
N LYS B 137 -0.23 -11.28 -1.20
CA LYS B 137 -0.36 -12.06 -2.42
C LYS B 137 0.18 -13.48 -2.23
N VAL B 138 -0.42 -14.43 -2.95
CA VAL B 138 0.00 -15.83 -2.91
C VAL B 138 0.28 -16.28 -4.33
N VAL B 139 1.52 -16.71 -4.58
CA VAL B 139 1.90 -17.22 -5.90
C VAL B 139 2.38 -18.67 -5.74
N ARG B 140 2.61 -19.32 -6.87
CA ARG B 140 3.00 -20.73 -6.91
C ARG B 140 4.31 -20.88 -7.67
N THR B 141 5.25 -21.63 -7.10
CA THR B 141 6.58 -21.83 -7.70
C THR B 141 6.66 -23.12 -8.50
N ILE B 142 7.21 -23.04 -9.72
CA ILE B 142 7.44 -24.23 -10.55
C ILE B 142 8.89 -24.25 -11.03
N GLY B 143 9.52 -25.42 -10.97
CA GLY B 143 10.92 -25.56 -11.42
C GLY B 143 11.07 -25.70 -12.93
N ALA B 144 12.10 -25.06 -13.50
CA ALA B 144 12.27 -25.19 -14.95
C ALA B 144 12.61 -26.62 -15.39
N LYS B 145 13.30 -27.40 -14.53
CA LYS B 145 13.66 -28.80 -14.79
C LYS B 145 12.35 -29.58 -14.78
N LEU B 146 11.29 -28.97 -15.29
CA LEU B 146 9.99 -29.62 -15.38
C LEU B 146 9.31 -29.05 -16.61
N LEU B 147 9.47 -27.74 -16.76
CA LEU B 147 8.96 -27.06 -17.94
C LEU B 147 9.66 -27.59 -19.16
N LEU B 148 10.98 -27.78 -19.06
CA LEU B 148 11.72 -28.30 -20.19
C LEU B 148 11.31 -29.73 -20.49
N ASN B 149 11.00 -30.52 -19.46
CA ASN B 149 10.47 -31.86 -19.68
C ASN B 149 9.13 -31.83 -20.39
N LYS B 150 8.23 -30.91 -19.99
CA LYS B 150 6.95 -30.80 -20.68
C LYS B 150 7.13 -30.37 -22.13
N ILE B 151 8.10 -29.49 -22.39
CA ILE B 151 8.43 -29.09 -23.75
C ILE B 151 8.91 -30.31 -24.55
N LYS B 152 9.73 -31.14 -23.90
CA LYS B 152 10.27 -32.34 -24.55
C LYS B 152 9.17 -33.35 -24.84
N GLU B 153 8.21 -33.52 -23.91
CA GLU B 153 7.09 -34.43 -24.17
C GLU B 153 6.28 -34.00 -25.38
N LYS B 154 6.24 -32.68 -25.68
CA LYS B 154 5.50 -32.19 -26.85
C LYS B 154 6.27 -32.46 -28.13
N GLY B 155 7.49 -32.97 -28.02
CA GLY B 155 8.39 -33.17 -29.14
C GLY B 155 9.15 -31.94 -29.61
N LEU B 156 9.14 -30.83 -28.87
CA LEU B 156 9.80 -29.62 -29.34
C LEU B 156 11.30 -29.74 -29.07
N TYR B 157 12.10 -29.34 -30.03
CA TYR B 157 13.54 -29.14 -29.92
C TYR B 157 13.95 -27.70 -29.64
N GLY B 158 13.35 -26.77 -30.37
CA GLY B 158 13.47 -25.35 -30.21
C GLY B 158 14.40 -24.96 -31.36
N GLN B 159 13.83 -24.59 -32.51
CA GLN B 159 14.69 -24.34 -33.66
C GLN B 159 14.27 -23.20 -34.58
N SER B 160 13.05 -23.27 -35.14
CA SER B 160 12.63 -22.27 -36.11
C SER B 160 11.36 -22.70 -36.83
N ARG B 161 11.18 -23.99 -37.03
CA ARG B 161 10.04 -24.42 -37.82
C ARG B 161 9.08 -25.22 -36.95
N GLU B 162 9.07 -24.95 -35.65
CA GLU B 162 8.11 -25.64 -34.82
C GLU B 162 6.90 -24.74 -34.63
N ASP B 163 5.82 -25.38 -34.18
CA ASP B 163 4.51 -24.80 -33.87
C ASP B 163 4.48 -24.05 -32.53
N ASP B 164 4.65 -22.73 -32.52
CA ASP B 164 4.77 -22.14 -31.18
C ASP B 164 3.46 -22.19 -30.37
N SER B 165 2.35 -22.65 -30.95
CA SER B 165 1.13 -22.89 -30.20
C SER B 165 1.31 -23.97 -29.16
N LYS B 166 2.31 -24.85 -29.33
CA LYS B 166 2.52 -25.89 -28.33
C LYS B 166 3.07 -25.27 -27.05
N TYR B 167 3.97 -24.29 -27.17
CA TYR B 167 4.38 -23.55 -25.97
C TYR B 167 3.19 -22.90 -25.30
N ARG B 168 2.27 -22.36 -26.09
CA ARG B 168 1.08 -21.75 -25.54
C ARG B 168 0.17 -22.79 -24.89
N GLU B 169 0.12 -24.00 -25.46
CA GLU B 169 -0.63 -25.07 -24.83
C GLU B 169 -0.07 -25.34 -23.44
N ILE B 170 1.26 -25.44 -23.35
CA ILE B 170 1.90 -25.70 -22.06
C ILE B 170 1.63 -24.57 -21.09
N ALA B 171 1.68 -23.33 -21.55
CA ALA B 171 1.43 -22.20 -20.66
C ALA B 171 0.00 -22.27 -20.12
N HIS B 172 -0.97 -22.59 -20.97
CA HIS B 172 -2.34 -22.64 -20.52
C HIS B 172 -2.59 -23.78 -19.53
N GLU B 173 -2.00 -24.95 -19.78
CA GLU B 173 -2.16 -26.07 -18.85
C GLU B 173 -1.55 -25.74 -17.50
N VAL B 174 -0.34 -25.18 -17.53
CA VAL B 174 0.34 -24.82 -16.29
C VAL B 174 -0.41 -23.73 -15.54
N TYR B 175 -0.97 -22.75 -16.25
CA TYR B 175 -1.71 -21.69 -15.55
C TYR B 175 -2.96 -22.26 -14.88
N GLU B 176 -3.68 -23.17 -15.56
CA GLU B 176 -4.88 -23.76 -14.96
C GLU B 176 -4.53 -24.62 -13.75
N GLU B 177 -3.48 -25.43 -13.84
CA GLU B 177 -3.16 -26.28 -12.71
C GLU B 177 -2.59 -25.50 -11.52
N TYR B 178 -1.67 -24.59 -11.78
CA TYR B 178 -0.85 -24.00 -10.74
C TYR B 178 -1.42 -22.69 -10.18
N VAL B 179 -2.06 -21.88 -11.02
CA VAL B 179 -2.50 -20.54 -10.63
C VAL B 179 -4.03 -20.45 -10.47
N ALA B 180 -4.78 -20.79 -11.51
CA ALA B 180 -6.23 -20.54 -11.51
C ALA B 180 -7.00 -21.46 -10.57
N LYS B 181 -6.51 -22.68 -10.36
CA LYS B 181 -7.26 -23.66 -9.59
C LYS B 181 -7.54 -23.18 -8.16
N HIS B 182 -6.58 -22.51 -7.54
CA HIS B 182 -6.77 -22.05 -6.18
C HIS B 182 -6.77 -20.53 -6.08
N ASN B 183 -7.11 -19.85 -7.19
CA ASN B 183 -7.27 -18.40 -7.21
C ASN B 183 -5.98 -17.70 -6.77
N LEU B 184 -4.84 -18.22 -7.25
CA LEU B 184 -3.57 -17.61 -6.87
C LEU B 184 -3.28 -16.37 -7.74
N ASP B 185 -2.24 -15.64 -7.34
CA ASP B 185 -1.91 -14.36 -7.93
C ASP B 185 -0.82 -14.43 -8.99
N GLY B 186 -0.23 -15.58 -9.22
CA GLY B 186 0.75 -15.69 -10.28
C GLY B 186 1.70 -16.86 -10.10
N LEU B 187 2.67 -16.89 -11.01
CA LEU B 187 3.60 -18.00 -11.13
C LEU B 187 5.02 -17.50 -10.99
N ASP B 188 5.85 -18.28 -10.28
CA ASP B 188 7.26 -17.98 -10.09
C ASP B 188 8.05 -19.13 -10.68
N VAL B 189 8.77 -18.85 -11.76
CA VAL B 189 9.55 -19.86 -12.46
C VAL B 189 10.96 -19.88 -11.89
N ALA B 190 11.36 -20.99 -11.28
CA ALA B 190 12.69 -21.14 -10.72
C ALA B 190 13.62 -21.77 -11.75
N MET B 191 14.62 -21.03 -12.19
CA MET B 191 15.56 -21.49 -13.20
C MET B 191 16.95 -21.47 -12.61
N ALA B 192 17.38 -22.61 -12.09
CA ALA B 192 18.73 -22.80 -11.54
C ALA B 192 19.45 -23.92 -12.28
N LEU B 193 19.27 -24.00 -13.60
CA LEU B 193 19.87 -25.05 -14.41
C LEU B 193 21.03 -24.43 -15.16
N ARG B 194 22.23 -24.96 -14.92
CA ARG B 194 23.42 -24.43 -15.56
C ARG B 194 23.48 -24.77 -17.04
N GLU B 195 22.75 -25.78 -17.48
CA GLU B 195 22.80 -26.23 -18.87
C GLU B 195 22.04 -25.31 -19.82
N VAL B 196 21.13 -24.49 -19.32
CA VAL B 196 20.38 -23.59 -20.19
C VAL B 196 21.29 -22.61 -20.89
N GLU B 197 22.22 -22.02 -20.15
CA GLU B 197 23.15 -21.06 -20.73
C GLU B 197 24.06 -21.68 -21.79
N LYS B 198 24.35 -22.97 -21.69
CA LYS B 198 25.29 -23.64 -22.57
C LYS B 198 24.72 -23.98 -23.95
N TYR B 199 23.42 -24.22 -24.07
CA TYR B 199 22.77 -24.76 -25.25
C TYR B 199 21.80 -23.79 -25.90
N THR B 200 21.98 -23.56 -27.20
CA THR B 200 21.09 -22.65 -27.91
C THR B 200 19.65 -23.12 -27.89
N ASN B 201 19.42 -24.44 -28.03
CA ASN B 201 18.04 -24.94 -28.07
C ASN B 201 17.34 -24.72 -26.73
N LEU B 202 18.08 -24.92 -25.62
CA LEU B 202 17.53 -24.66 -24.31
C LEU B 202 17.25 -23.17 -24.08
N ARG B 203 18.13 -22.27 -24.59
CA ARG B 203 17.78 -20.86 -24.51
C ARG B 203 16.52 -20.54 -25.28
N TRP B 204 16.40 -21.10 -26.49
CA TRP B 204 15.21 -20.89 -27.30
C TRP B 204 13.96 -21.37 -26.57
N GLN B 205 14.04 -22.56 -25.98
CA GLN B 205 12.92 -23.11 -25.25
C GLN B 205 12.51 -22.23 -24.08
N LEU B 206 13.49 -21.80 -23.27
CA LEU B 206 13.18 -20.97 -22.13
C LEU B 206 12.54 -19.66 -22.57
N ARG B 207 13.11 -19.04 -23.60
CA ARG B 207 12.57 -17.79 -24.11
C ARG B 207 11.13 -17.98 -24.59
N LYS B 208 10.86 -19.06 -25.33
CA LYS B 208 9.51 -19.24 -25.87
C LYS B 208 8.48 -19.57 -24.78
N ILE B 209 8.84 -20.41 -23.81
CA ILE B 209 7.87 -20.71 -22.75
C ILE B 209 7.62 -19.47 -21.89
N MET B 210 8.63 -18.62 -21.66
CA MET B 210 8.40 -17.40 -20.89
C MET B 210 7.57 -16.40 -21.68
N GLY B 211 7.73 -16.36 -23.00
CA GLY B 211 6.85 -15.52 -23.80
C GLY B 211 5.41 -15.99 -23.74
N ALA B 212 5.20 -17.32 -23.83
CA ALA B 212 3.85 -17.88 -23.69
C ALA B 212 3.21 -17.56 -22.33
N PHE B 213 4.00 -17.62 -21.24
CA PHE B 213 3.52 -17.20 -19.91
C PHE B 213 3.21 -15.71 -19.86
N SER B 214 3.97 -14.88 -20.59
CA SER B 214 3.73 -13.44 -20.58
C SER B 214 2.37 -13.07 -21.17
N GLU B 215 1.80 -13.92 -22.03
CA GLU B 215 0.44 -13.68 -22.51
C GLU B 215 -0.61 -13.82 -21.41
N LEU B 216 -0.29 -14.50 -20.31
CA LEU B 216 -1.24 -14.68 -19.21
C LEU B 216 -0.86 -13.92 -17.97
N MET B 217 0.42 -13.66 -17.75
CA MET B 217 0.86 -13.00 -16.53
C MET B 217 1.93 -11.98 -16.89
N GLY B 218 2.24 -11.12 -15.92
CA GLY B 218 3.27 -10.14 -16.09
C GLY B 218 2.78 -8.87 -16.75
N PRO B 219 3.69 -7.94 -16.98
CA PRO B 219 3.28 -6.64 -17.55
C PRO B 219 2.77 -6.73 -18.97
N LYS B 220 3.22 -7.71 -19.74
CA LYS B 220 2.79 -7.83 -21.12
C LYS B 220 1.42 -8.50 -21.27
N ALA B 221 0.86 -9.03 -20.18
CA ALA B 221 -0.39 -9.77 -20.31
C ALA B 221 -1.56 -8.83 -20.55
N PRO B 222 -2.43 -9.12 -21.51
CA PRO B 222 -3.61 -8.27 -21.73
C PRO B 222 -4.61 -8.27 -20.58
N GLY B 223 -4.67 -9.35 -19.79
CA GLY B 223 -5.57 -9.37 -18.64
C GLY B 223 -5.24 -8.33 -17.59
N ASN B 224 -4.00 -7.84 -17.57
CA ASN B 224 -3.56 -6.79 -16.67
C ASN B 224 -3.61 -5.41 -17.33
N ALA B 225 -4.40 -5.27 -18.39
CA ALA B 225 -4.49 -3.97 -19.06
C ALA B 225 -5.02 -2.92 -18.11
N GLY B 226 -4.30 -1.80 -18.04
CA GLY B 226 -4.56 -0.71 -17.14
C GLY B 226 -4.32 -1.03 -15.68
N LYS B 227 -3.71 -2.18 -15.39
CA LYS B 227 -3.39 -2.58 -14.03
C LYS B 227 -1.88 -2.55 -13.84
N LYS B 228 -1.47 -2.45 -12.58
CA LYS B 228 -0.08 -2.36 -12.13
C LYS B 228 0.15 -3.35 -11.01
N PRO B 229 1.39 -3.82 -10.85
CA PRO B 229 1.71 -4.65 -9.69
C PRO B 229 1.31 -3.96 -8.40
N GLY B 230 0.60 -4.70 -7.54
CA GLY B 230 0.00 -4.17 -6.35
C GLY B 230 -1.50 -3.96 -6.44
N ASP B 231 -2.05 -3.85 -7.65
CA ASP B 231 -3.49 -3.75 -7.80
C ASP B 231 -4.15 -5.09 -7.52
N ASP B 232 -5.42 -5.03 -7.13
CA ASP B 232 -6.18 -6.25 -6.87
C ASP B 232 -6.45 -6.95 -8.19
N GLY B 233 -6.28 -8.28 -8.21
CA GLY B 233 -6.49 -9.03 -9.42
C GLY B 233 -5.31 -9.06 -10.36
N TYR B 234 -4.21 -8.37 -10.03
CA TYR B 234 -3.02 -8.40 -10.87
C TYR B 234 -2.41 -9.80 -10.86
N LYS B 235 -1.97 -10.28 -12.04
CA LYS B 235 -1.36 -11.60 -12.15
C LYS B 235 0.15 -11.46 -12.38
N TYR B 236 0.93 -11.91 -11.41
CA TYR B 236 2.38 -11.72 -11.45
C TYR B 236 3.08 -12.83 -12.22
N LEU B 237 4.15 -12.45 -12.92
CA LEU B 237 5.09 -13.39 -13.51
C LEU B 237 6.46 -13.10 -12.89
N ILE B 238 7.01 -14.07 -12.18
CA ILE B 238 8.18 -13.90 -11.35
C ILE B 238 9.22 -14.93 -11.78
N TYR B 239 10.50 -14.53 -11.69
CA TYR B 239 11.63 -15.32 -12.13
C TYR B 239 12.69 -15.32 -11.04
N ASP B 240 12.98 -16.48 -10.47
CA ASP B 240 14.05 -16.61 -9.50
C ASP B 240 15.16 -17.51 -10.05
N THR B 241 16.41 -17.13 -9.82
CA THR B 241 17.50 -17.70 -10.60
C THR B 241 18.84 -17.42 -9.91
N PHE B 242 19.93 -17.74 -10.62
CA PHE B 242 21.28 -17.49 -10.11
C PHE B 242 21.49 -16.00 -9.83
N ASP B 243 22.43 -15.73 -8.93
CA ASP B 243 22.86 -14.34 -8.73
C ASP B 243 23.93 -13.91 -9.73
N ASN B 244 24.18 -14.71 -10.75
CA ASN B 244 25.03 -14.38 -11.89
C ASN B 244 24.15 -14.19 -13.11
N ALA B 245 24.15 -12.97 -13.67
CA ALA B 245 23.20 -12.64 -14.75
C ALA B 245 23.40 -13.49 -15.99
N GLN B 246 24.65 -13.90 -16.27
CA GLN B 246 24.97 -14.71 -17.44
C GLN B 246 24.41 -16.13 -17.30
N LEU B 247 24.69 -16.78 -16.16
CA LEU B 247 24.08 -18.08 -15.88
C LEU B 247 22.57 -17.98 -15.75
N ALA B 248 22.07 -16.85 -15.24
CA ALA B 248 20.63 -16.68 -15.07
C ALA B 248 19.89 -16.62 -16.39
N GLN B 249 20.56 -16.17 -17.45
CA GLN B 249 19.94 -15.90 -18.75
C GLN B 249 18.75 -14.96 -18.57
N VAL B 250 18.91 -13.98 -17.67
CA VAL B 250 17.84 -13.04 -17.39
C VAL B 250 17.49 -12.18 -18.60
N ALA B 251 18.41 -12.02 -19.54
CA ALA B 251 18.08 -11.27 -20.74
C ALA B 251 16.93 -11.92 -21.53
N LEU B 252 16.67 -13.21 -21.32
CA LEU B 252 15.56 -13.86 -22.02
C LEU B 252 14.20 -13.58 -21.40
N VAL B 253 14.16 -13.15 -20.14
CA VAL B 253 12.89 -12.94 -19.45
C VAL B 253 12.72 -11.50 -18.95
N ALA B 254 13.72 -10.64 -19.18
CA ALA B 254 13.72 -9.34 -18.53
C ALA B 254 12.49 -8.52 -18.93
N ASP B 255 12.03 -8.69 -20.15
CA ASP B 255 10.95 -7.87 -20.67
C ASP B 255 9.57 -8.40 -20.32
N VAL B 256 9.46 -9.59 -19.75
CA VAL B 256 8.17 -10.21 -19.53
C VAL B 256 7.87 -10.51 -18.07
N VAL B 257 8.81 -10.25 -17.16
CA VAL B 257 8.67 -10.62 -15.75
C VAL B 257 8.52 -9.37 -14.90
N ASP B 258 7.75 -9.50 -13.81
CA ASP B 258 7.59 -8.43 -12.84
C ASP B 258 8.79 -8.35 -11.91
N TYR B 259 9.28 -9.49 -11.46
CA TYR B 259 10.36 -9.51 -10.48
C TYR B 259 11.37 -10.58 -10.86
N VAL B 260 12.62 -10.27 -10.59
CA VAL B 260 13.73 -11.18 -10.73
C VAL B 260 14.35 -11.38 -9.36
N LEU B 261 14.32 -12.62 -8.88
CA LEU B 261 14.83 -12.97 -7.56
C LEU B 261 16.20 -13.63 -7.71
N ALA B 262 17.25 -12.90 -7.36
CA ALA B 262 18.60 -13.41 -7.44
C ALA B 262 18.95 -14.15 -6.15
N GLN B 263 19.36 -15.41 -6.28
CA GLN B 263 19.64 -16.25 -5.11
C GLN B 263 21.03 -15.90 -4.60
N THR B 264 21.09 -14.80 -3.86
CA THR B 264 22.33 -14.31 -3.26
C THR B 264 22.55 -14.93 -1.87
N TYR B 265 22.42 -16.26 -1.79
CA TYR B 265 22.38 -16.98 -0.52
C TYR B 265 23.74 -17.04 0.17
N ASP B 266 24.84 -16.72 -0.52
CA ASP B 266 26.16 -16.77 0.07
C ASP B 266 26.80 -15.39 0.24
N LYS B 267 26.05 -14.32 -0.03
CA LYS B 267 26.64 -12.98 0.00
C LYS B 267 26.68 -12.32 1.38
N GLY B 268 25.58 -11.69 1.78
CA GLY B 268 25.55 -11.06 3.09
C GLY B 268 26.39 -9.79 3.26
N THR B 269 26.89 -9.20 2.17
CA THR B 269 27.65 -7.95 2.27
C THR B 269 27.06 -6.98 1.26
N GLU B 270 26.90 -5.73 1.67
CA GLU B 270 26.31 -4.75 0.75
C GLU B 270 27.11 -4.61 -0.53
N GLU B 271 28.45 -4.65 -0.41
CA GLU B 271 29.29 -4.54 -1.59
C GLU B 271 29.10 -5.74 -2.52
N SER B 272 28.91 -6.93 -1.96
CA SER B 272 28.71 -8.13 -2.77
C SER B 272 27.36 -8.07 -3.50
N ILE B 273 26.32 -7.58 -2.84
CA ILE B 273 25.04 -7.38 -3.51
C ILE B 273 25.15 -6.32 -4.61
N THR B 274 25.95 -5.27 -4.38
CA THR B 274 26.20 -4.28 -5.42
C THR B 274 26.88 -4.92 -6.62
N ARG B 275 27.79 -5.87 -6.38
CA ARG B 275 28.46 -6.58 -7.47
C ARG B 275 27.44 -7.39 -8.27
N VAL B 276 26.54 -8.07 -7.56
CA VAL B 276 25.49 -8.83 -8.23
C VAL B 276 24.60 -7.91 -9.06
N TRP B 277 24.15 -6.81 -8.46
CA TRP B 277 23.27 -5.89 -9.18
C TRP B 277 23.97 -5.26 -10.39
N ASN B 278 25.27 -4.93 -10.26
CA ASN B 278 25.99 -4.41 -11.42
C ASN B 278 26.09 -5.45 -12.53
N GLY B 279 26.11 -6.73 -12.15
CA GLY B 279 25.98 -7.76 -13.17
C GLY B 279 24.62 -7.76 -13.84
N PHE B 280 23.57 -7.45 -13.09
CA PHE B 280 22.22 -7.49 -13.66
C PHE B 280 21.76 -6.18 -14.27
N ARG B 281 22.43 -5.05 -13.98
CA ARG B 281 21.82 -3.74 -14.16
C ARG B 281 21.56 -3.37 -15.62
N ASP B 282 22.27 -3.97 -16.56
CA ASP B 282 22.04 -3.66 -17.97
C ASP B 282 20.94 -4.53 -18.58
N LYS B 283 20.51 -5.59 -17.89
CA LYS B 283 19.42 -6.43 -18.37
C LYS B 283 18.07 -6.05 -17.79
N ILE B 284 17.99 -5.70 -16.49
CA ILE B 284 16.73 -5.37 -15.83
C ILE B 284 16.86 -4.03 -15.15
N ASN B 285 15.74 -3.47 -14.73
CA ASN B 285 15.76 -2.25 -13.93
C ASN B 285 15.66 -2.61 -12.46
N SER B 286 16.08 -1.68 -11.61
CA SER B 286 16.19 -1.98 -10.19
C SER B 286 14.84 -2.29 -9.56
N CYS B 287 13.74 -1.79 -10.12
CA CYS B 287 12.44 -2.10 -9.54
C CYS B 287 12.07 -3.58 -9.65
N GLN B 288 12.67 -4.31 -10.59
CA GLN B 288 12.41 -5.74 -10.68
C GLN B 288 13.31 -6.56 -9.79
N PHE B 289 14.41 -6.01 -9.33
CA PHE B 289 15.46 -6.82 -8.73
C PHE B 289 15.16 -7.04 -7.25
N LEU B 290 15.27 -8.30 -6.83
CA LEU B 290 15.23 -8.68 -5.43
C LEU B 290 16.42 -9.57 -5.13
N ALA B 291 17.17 -9.24 -4.10
CA ALA B 291 18.20 -10.10 -3.53
C ALA B 291 17.63 -10.72 -2.26
N GLY B 292 18.15 -11.89 -1.88
CA GLY B 292 17.55 -12.66 -0.80
C GLY B 292 18.54 -13.48 -0.01
N TYR B 293 18.00 -14.24 0.94
CA TYR B 293 18.77 -15.12 1.81
C TYR B 293 17.94 -16.37 2.07
N ALA B 294 18.59 -17.43 2.53
CA ALA B 294 17.96 -18.72 2.76
C ALA B 294 18.15 -19.15 4.22
N HIS B 295 17.09 -19.59 4.85
CA HIS B 295 17.16 -20.11 6.20
C HIS B 295 17.61 -21.58 6.20
N PRO B 296 18.43 -21.98 7.16
CA PRO B 296 18.89 -23.38 7.21
C PRO B 296 17.73 -24.37 7.29
N GLU B 297 17.78 -25.39 6.44
CA GLU B 297 16.74 -26.41 6.36
C GLU B 297 17.20 -27.69 7.04
N GLU B 298 16.24 -28.46 7.55
CA GLU B 298 16.58 -29.74 8.17
C GLU B 298 17.04 -30.73 7.09
N ASN B 299 18.13 -31.44 7.40
CA ASN B 299 18.74 -32.44 6.52
C ASN B 299 19.04 -31.88 5.12
N ASP B 300 19.66 -30.70 5.08
CA ASP B 300 19.80 -29.96 3.82
C ASP B 300 21.14 -30.18 3.13
N THR B 301 22.24 -30.24 3.90
CA THR B 301 23.61 -30.36 3.40
C THR B 301 24.10 -29.13 2.62
N ASN B 302 23.23 -28.15 2.36
CA ASN B 302 23.60 -27.03 1.50
C ASN B 302 24.46 -25.98 2.22
N ARG B 303 24.14 -25.65 3.47
CA ARG B 303 24.88 -24.66 4.25
C ARG B 303 24.82 -23.23 3.70
N PHE B 304 23.75 -22.52 4.02
CA PHE B 304 23.62 -21.09 3.76
C PHE B 304 23.73 -20.33 5.08
N LEU B 305 24.72 -19.43 5.18
CA LEU B 305 25.14 -18.92 6.48
C LEU B 305 24.82 -17.45 6.74
N THR B 306 24.15 -16.76 5.83
CA THR B 306 23.98 -15.32 6.02
C THR B 306 22.92 -15.01 7.08
N ALA B 307 21.94 -15.90 7.26
CA ALA B 307 20.81 -15.67 8.14
C ALA B 307 20.92 -16.50 9.42
N ILE B 308 22.12 -16.56 9.98
CA ILE B 308 22.38 -17.30 11.20
C ILE B 308 22.94 -16.34 12.22
N GLY B 309 22.59 -16.55 13.49
CA GLY B 309 23.13 -15.74 14.57
C GLY B 309 22.27 -14.54 14.91
N ASP B 310 22.91 -13.48 15.40
CA ASP B 310 22.19 -12.27 15.77
C ASP B 310 21.52 -11.66 14.55
N VAL B 311 20.25 -11.28 14.70
CA VAL B 311 19.48 -10.79 13.55
C VAL B 311 20.05 -9.47 13.06
N ASP B 312 20.20 -8.50 13.96
CA ASP B 312 20.53 -7.13 13.53
C ASP B 312 21.91 -7.01 12.91
N THR B 313 22.83 -7.95 13.19
CA THR B 313 24.18 -7.93 12.64
C THR B 313 24.42 -8.99 11.56
N SER B 314 23.41 -9.77 11.20
CA SER B 314 23.60 -10.82 10.21
C SER B 314 23.76 -10.24 8.80
N GLY B 315 24.41 -11.01 7.93
CA GLY B 315 24.55 -10.64 6.53
C GLY B 315 23.24 -10.63 5.78
N ALA B 316 22.29 -11.46 6.20
CA ALA B 316 20.98 -11.45 5.58
C ALA B 316 20.31 -10.09 5.72
N MET B 317 20.47 -9.45 6.88
CA MET B 317 19.91 -8.14 7.10
C MET B 317 20.69 -7.04 6.38
N ASN B 318 21.97 -7.28 6.10
CA ASN B 318 22.69 -6.38 5.21
C ASN B 318 22.07 -6.41 3.83
N VAL B 319 21.69 -7.61 3.37
CA VAL B 319 21.00 -7.73 2.08
C VAL B 319 19.64 -7.04 2.14
N ALA B 320 18.89 -7.24 3.23
CA ALA B 320 17.58 -6.62 3.36
C ALA B 320 17.66 -5.09 3.38
N ALA B 321 18.67 -4.55 4.06
CA ALA B 321 18.89 -3.10 4.14
C ALA B 321 19.51 -2.52 2.88
N TRP B 322 20.11 -3.34 2.03
CA TRP B 322 20.80 -2.87 0.84
C TRP B 322 19.84 -2.16 -0.11
N LYS B 323 20.35 -1.12 -0.77
CA LYS B 323 19.62 -0.42 -1.81
C LYS B 323 20.56 -0.15 -2.97
N PRO B 324 20.07 -0.19 -4.20
CA PRO B 324 20.92 0.16 -5.35
C PRO B 324 21.34 1.61 -5.32
N GLU B 325 22.62 1.87 -5.55
CA GLU B 325 23.09 3.24 -5.45
C GLU B 325 22.33 4.08 -6.47
N GLY B 326 21.63 5.11 -5.99
CA GLY B 326 20.83 5.94 -6.88
C GLY B 326 19.52 5.35 -7.35
N GLY B 327 19.01 4.32 -6.68
CA GLY B 327 17.78 3.69 -7.10
C GLY B 327 17.08 2.97 -5.96
N GLU B 328 15.89 2.48 -6.27
CA GLU B 328 15.07 1.69 -5.37
C GLU B 328 14.98 0.27 -5.91
N LYS B 329 14.93 -0.69 -5.01
CA LYS B 329 14.89 -2.10 -5.39
C LYS B 329 13.46 -2.63 -5.31
N GLY B 330 13.27 -3.80 -5.89
CA GLY B 330 11.97 -4.46 -5.83
C GLY B 330 11.63 -4.94 -4.44
N GLY B 331 12.63 -5.34 -3.67
CA GLY B 331 12.42 -5.77 -2.32
C GLY B 331 13.48 -6.77 -1.93
N THR B 332 13.08 -7.65 -1.01
CA THR B 332 13.93 -8.69 -0.45
C THR B 332 13.11 -9.96 -0.34
N PHE B 333 13.76 -11.10 -0.53
CA PHE B 333 13.06 -12.37 -0.41
C PHE B 333 13.83 -13.33 0.49
N ALA B 334 13.09 -14.29 1.05
CA ALA B 334 13.67 -15.29 1.93
C ALA B 334 13.11 -16.67 1.60
N TYR B 335 13.99 -17.66 1.58
CA TYR B 335 13.59 -19.03 1.32
C TYR B 335 13.37 -19.75 2.65
N ALA B 336 12.33 -20.57 2.70
CA ALA B 336 11.96 -21.38 3.86
C ALA B 336 11.64 -20.49 5.06
N LEU B 337 10.45 -19.87 4.98
CA LEU B 337 10.01 -19.00 6.07
C LEU B 337 9.85 -19.79 7.37
N ASP B 338 9.46 -21.05 7.27
CA ASP B 338 9.27 -21.87 8.46
C ASP B 338 10.58 -22.11 9.20
N ARG B 339 11.73 -21.93 8.56
CA ARG B 339 13.00 -22.15 9.23
C ARG B 339 13.63 -20.85 9.74
N ASP B 340 12.84 -19.79 9.88
CA ASP B 340 13.33 -18.51 10.38
C ASP B 340 13.88 -18.69 11.79
N GLY B 341 15.17 -18.39 11.94
CA GLY B 341 15.89 -18.53 13.19
C GLY B 341 16.62 -19.84 13.37
N ARG B 342 16.42 -20.81 12.47
CA ARG B 342 17.13 -22.06 12.64
C ARG B 342 18.59 -21.92 12.19
N THR B 343 19.42 -22.83 12.67
CA THR B 343 20.84 -22.92 12.35
C THR B 343 21.15 -24.32 11.80
N TYR B 344 22.44 -24.63 11.67
CA TYR B 344 22.92 -25.96 11.35
C TYR B 344 23.55 -26.64 12.56
N ASP B 345 23.38 -26.08 13.73
CA ASP B 345 24.04 -26.55 14.94
C ASP B 345 23.01 -27.27 15.80
N GLY B 346 23.49 -28.22 16.61
CA GLY B 346 22.60 -28.90 17.55
C GLY B 346 21.56 -29.78 16.88
N ASP B 347 20.34 -29.72 17.42
CA ASP B 347 19.19 -30.48 16.94
C ASP B 347 18.54 -29.90 15.69
N ASP B 348 18.93 -28.69 15.28
CA ASP B 348 18.31 -28.01 14.16
C ASP B 348 18.36 -28.83 12.86
N LEU B 349 19.42 -29.59 12.64
CA LEU B 349 19.53 -30.31 11.36
C LEU B 349 18.45 -31.38 11.20
N THR B 350 17.93 -31.93 12.30
CA THR B 350 17.00 -33.04 12.27
C THR B 350 15.67 -32.78 12.96
N THR B 351 15.43 -31.59 13.49
CA THR B 351 14.21 -31.35 14.21
C THR B 351 13.54 -30.09 13.69
N LEU B 352 12.21 -30.09 13.76
CA LEU B 352 11.39 -28.94 13.45
C LEU B 352 10.97 -28.21 14.71
N LYS B 353 10.90 -26.90 14.63
CA LYS B 353 10.61 -26.07 15.79
C LYS B 353 9.68 -24.95 15.33
N PRO B 354 8.92 -24.37 16.25
CA PRO B 354 8.18 -23.15 15.91
C PRO B 354 9.17 -22.01 15.66
N THR B 355 8.67 -20.95 15.06
CA THR B 355 9.49 -19.82 14.72
C THR B 355 8.82 -18.55 15.20
N ASP B 356 9.63 -17.56 15.54
CA ASP B 356 9.15 -16.23 15.90
C ASP B 356 9.21 -15.26 14.75
N PHE B 357 9.71 -15.69 13.59
CA PHE B 357 9.78 -14.86 12.39
C PHE B 357 10.59 -13.58 12.62
N ALA B 358 11.64 -13.67 13.43
CA ALA B 358 12.46 -12.49 13.73
C ALA B 358 13.15 -11.95 12.48
N PHE B 359 13.83 -12.83 11.73
CA PHE B 359 14.45 -12.38 10.49
C PHE B 359 13.44 -11.78 9.54
N THR B 360 12.25 -12.40 9.45
CA THR B 360 11.22 -11.90 8.54
C THR B 360 10.76 -10.49 8.94
N LYS B 361 10.52 -10.29 10.25
CA LYS B 361 10.06 -8.99 10.73
C LYS B 361 11.12 -7.91 10.49
N ARG B 362 12.39 -8.22 10.82
CA ARG B 362 13.44 -7.23 10.63
C ARG B 362 13.68 -6.94 9.15
N ALA B 363 13.55 -7.97 8.30
CA ALA B 363 13.69 -7.77 6.87
C ALA B 363 12.58 -6.90 6.32
N ILE B 364 11.35 -7.09 6.81
CA ILE B 364 10.26 -6.22 6.41
C ILE B 364 10.56 -4.78 6.79
N GLU B 365 11.04 -4.57 8.03
CA GLU B 365 11.37 -3.23 8.48
C GLU B 365 12.41 -2.59 7.58
N LEU B 366 13.50 -3.31 7.30
CA LEU B 366 14.57 -2.75 6.48
C LEU B 366 14.18 -2.58 5.01
N THR B 367 13.30 -3.43 4.50
CA THR B 367 12.92 -3.38 3.09
C THR B 367 11.93 -2.25 2.82
N LYS B 368 10.93 -2.08 3.68
CA LYS B 368 9.89 -1.10 3.45
C LYS B 368 10.16 0.22 4.17
N GLY B 369 11.21 0.30 4.98
CA GLY B 369 11.48 1.53 5.72
C GLY B 369 10.38 1.80 6.73
N ILE B 370 9.83 0.75 7.32
CA ILE B 370 8.80 0.85 8.34
C ILE B 370 9.29 0.22 9.63
N SER B 371 8.47 0.35 10.68
CA SER B 371 8.74 -0.22 11.99
C SER B 371 7.62 -1.19 12.38
N LEU B 372 7.97 -2.22 13.15
CA LEU B 372 6.98 -3.20 13.65
C LEU B 372 7.01 -3.30 15.17
#